data_6UUH
#
_entry.id   6UUH
#
_cell.length_a   71.157
_cell.length_b   72.751
_cell.length_c   108.716
_cell.angle_alpha   90.000
_cell.angle_beta   101.170
_cell.angle_gamma   90.000
#
_symmetry.space_group_name_H-M   'P 1 21 1'
#
loop_
_entity.id
_entity.type
_entity.pdbx_description
1 polymer 'B11 Fab Heavy Chain'
2 polymer 'B11 Fab Light Chain'
3 polymer 'Immunoglobulin G-binding protein G'
4 branched alpha-D-mannopyranose-(1-2)-alpha-D-mannopyranose-(1-3)-[2-acetamido-2-deoxy-beta-D-glucopyranose-(1-2)-alpha-D-mannopyranose-(1-6)]beta-D-mannopyranose-(1-4)-2-acetamido-2-deoxy-beta-D-glucopyranose-(1-4)-[alpha-L-fucopyranose-(1-6)]2-acetamido-2-deoxy-beta-D-glucopyranose
5 non-polymer 2-acetamido-2-deoxy-beta-D-glucopyranose
#
loop_
_entity_poly.entity_id
_entity_poly.type
_entity_poly.pdbx_seq_one_letter_code
_entity_poly.pdbx_strand_id
1 'polypeptide(L)'
;QVQLVQSGAEVRKPGSSVTISCKPVGGTFTNFAIHWVRQAPGQGLEWVGGRVPVVGIYKYGKKFHDRLRLYEDDPMKTVF
LELRSLTSDDTGVYYCTRWRGCGMCPYDTSSYYNDASDVWGPGTKVIVSAASTKGPSVFPLAPSSKSTSGGTAALGCLVK
DYFPEPVTVSWNSGALTSGVHTFPAVLQSSGLYSLSSVVTVPSSSLGTQTYICNVNHKPSNTKVDKKVEPKSCDK
;
C,A
2 'polypeptide(L)'
;EIVLTQSPVTLSLSSGETGTLSCRASQNISSSWIAWYQQRRGQVPRLLISAASARAAGIPDRFTGRGSGTDFTLTITRLE
PEDFGVYSCQYYGGSFFTFGPGTQVDVKRTVAAPSVFIFPPSDEQLKSGTASVVCLLNNFYPREAKVQWKVDNALQSGNS
QESVTEQDSKDSTYSLSSTLTLSKADYEKHKVYACEVTHQGLSSPVTKSFNRGEC
;
D,B
3 'polypeptide(L)' MTPAVTTYKLVINGKTLKGETTTKAVDAETAEKAFKQYANDNGVDGVWTYDDATKTFTVTEHHHHH E,F
#
loop_
_chem_comp.id
_chem_comp.type
_chem_comp.name
_chem_comp.formula
BMA D-saccharide, beta linking beta-D-mannopyranose 'C6 H12 O6'
FUC L-saccharide, alpha linking alpha-L-fucopyranose 'C6 H12 O5'
MAN D-saccharide, alpha linking alpha-D-mannopyranose 'C6 H12 O6'
NAG D-saccharide, beta linking 2-acetamido-2-deoxy-beta-D-glucopyranose 'C8 H15 N O6'
#
# COMPACT_ATOMS: atom_id res chain seq x y z
N GLN A 1 7.06 1.10 -10.64
CA GLN A 1 8.30 1.39 -11.36
C GLN A 1 9.16 0.13 -11.46
N VAL A 2 10.48 0.30 -11.38
CA VAL A 2 11.39 -0.84 -11.50
C VAL A 2 11.03 -1.89 -10.46
N GLN A 3 10.75 -3.11 -10.93
CA GLN A 3 10.29 -4.20 -10.09
C GLN A 3 10.89 -5.50 -10.59
N LEU A 4 11.10 -6.44 -9.67
CA LEU A 4 11.81 -7.69 -9.96
C LEU A 4 10.89 -8.87 -9.70
N VAL A 5 10.73 -9.73 -10.70
CA VAL A 5 9.87 -10.91 -10.63
C VAL A 5 10.75 -12.14 -10.65
N GLN A 6 10.50 -13.08 -9.74
CA GLN A 6 11.30 -14.28 -9.61
C GLN A 6 10.44 -15.53 -9.81
N SER A 7 11.10 -16.60 -10.23
CA SER A 7 10.45 -17.87 -10.49
C SER A 7 10.07 -18.58 -9.18
N GLY A 8 9.20 -19.58 -9.31
CA GLY A 8 8.67 -20.27 -8.14
C GLY A 8 9.67 -21.18 -7.48
N ALA A 9 9.27 -21.71 -6.32
CA ALA A 9 10.10 -22.57 -5.50
C ALA A 9 10.58 -23.80 -6.28
N GLU A 10 11.67 -24.38 -5.80
CA GLU A 10 12.29 -25.54 -6.44
C GLU A 10 12.77 -26.52 -5.38
N VAL A 11 12.70 -27.80 -5.70
CA VAL A 11 13.20 -28.88 -4.85
C VAL A 11 14.20 -29.69 -5.66
N ARG A 12 15.37 -29.94 -5.08
CA ARG A 12 16.46 -30.59 -5.80
C ARG A 12 17.12 -31.63 -4.91
N LYS A 13 17.46 -32.78 -5.49
CA LYS A 13 18.18 -33.79 -4.76
C LYS A 13 19.59 -33.29 -4.45
N PRO A 14 20.17 -33.72 -3.33
CA PRO A 14 21.53 -33.31 -3.01
C PRO A 14 22.52 -33.73 -4.08
N GLY A 15 23.50 -32.86 -4.34
CA GLY A 15 24.49 -33.10 -5.37
C GLY A 15 24.12 -32.59 -6.75
N SER A 16 22.86 -32.29 -7.01
CA SER A 16 22.43 -31.79 -8.30
C SER A 16 22.52 -30.26 -8.33
N SER A 17 21.88 -29.65 -9.33
CA SER A 17 21.95 -28.21 -9.53
C SER A 17 20.55 -27.65 -9.74
N VAL A 18 20.44 -26.34 -9.53
CA VAL A 18 19.17 -25.64 -9.65
C VAL A 18 19.39 -24.35 -10.42
N THR A 19 18.36 -23.91 -11.14
CA THR A 19 18.42 -22.67 -11.90
C THR A 19 17.19 -21.82 -11.57
N ILE A 20 17.45 -20.60 -11.10
CA ILE A 20 16.40 -19.62 -10.81
C ILE A 20 16.38 -18.59 -11.91
N SER A 21 15.21 -18.00 -12.16
CA SER A 21 15.05 -16.92 -13.11
C SER A 21 14.53 -15.68 -12.42
N CYS A 22 15.08 -14.53 -12.80
CA CYS A 22 14.67 -13.22 -12.30
C CYS A 22 14.41 -12.32 -13.50
N LYS A 23 13.22 -11.71 -13.53
CA LYS A 23 12.82 -10.87 -14.66
C LYS A 23 12.53 -9.45 -14.19
N PRO A 24 13.32 -8.46 -14.62
CA PRO A 24 13.01 -7.07 -14.28
C PRO A 24 11.76 -6.58 -15.01
N VAL A 25 10.97 -5.78 -14.31
CA VAL A 25 9.78 -5.15 -14.86
C VAL A 25 9.94 -3.64 -14.68
N GLY A 26 10.06 -2.92 -15.78
CA GLY A 26 10.33 -1.50 -15.74
C GLY A 26 11.83 -1.20 -15.81
N GLY A 27 12.13 0.07 -16.08
CA GLY A 27 13.51 0.47 -16.14
C GLY A 27 14.26 -0.14 -17.31
N THR A 28 15.59 -0.20 -17.16
CA THR A 28 16.49 -0.68 -18.18
C THR A 28 16.98 -2.08 -17.84
N PHE A 29 17.75 -2.67 -18.76
CA PHE A 29 18.23 -4.03 -18.60
C PHE A 29 19.74 -4.18 -18.53
N THR A 30 20.51 -3.23 -19.08
CA THR A 30 21.96 -3.37 -19.17
C THR A 30 22.73 -2.31 -18.39
N ASN A 31 22.05 -1.49 -17.60
CA ASN A 31 22.75 -0.43 -16.87
C ASN A 31 23.22 -0.89 -15.50
N PHE A 32 22.35 -1.49 -14.70
CA PHE A 32 22.63 -1.77 -13.30
C PHE A 32 22.80 -3.26 -13.07
N ALA A 33 23.73 -3.61 -12.18
CA ALA A 33 24.02 -5.00 -11.89
C ALA A 33 22.91 -5.62 -11.05
N ILE A 34 22.62 -6.89 -11.33
CA ILE A 34 21.69 -7.67 -10.52
C ILE A 34 22.52 -8.44 -9.49
N HIS A 35 22.31 -8.15 -8.22
CA HIS A 35 23.02 -8.80 -7.13
C HIS A 35 22.09 -9.79 -6.44
N TRP A 36 22.57 -11.01 -6.28
CA TRP A 36 21.80 -12.08 -5.66
C TRP A 36 22.21 -12.24 -4.20
N VAL A 37 21.22 -12.22 -3.31
CA VAL A 37 21.42 -12.40 -1.89
C VAL A 37 20.56 -13.58 -1.44
N ARG A 38 21.15 -14.48 -0.64
CA ARG A 38 20.42 -15.63 -0.15
C ARG A 38 20.43 -15.63 1.38
N GLN A 39 19.47 -16.36 1.95
CA GLN A 39 19.36 -16.49 3.39
C GLN A 39 19.05 -17.93 3.75
N ALA A 40 19.96 -18.57 4.48
CA ALA A 40 19.69 -19.89 5.03
C ALA A 40 18.76 -19.76 6.24
N PRO A 41 17.93 -20.79 6.50
CA PRO A 41 16.96 -20.70 7.60
C PRO A 41 17.59 -20.34 8.93
N GLY A 42 17.13 -19.23 9.53
CA GLY A 42 17.68 -18.77 10.79
C GLY A 42 19.12 -18.33 10.71
N GLN A 43 19.53 -17.74 9.58
CA GLN A 43 20.89 -17.25 9.42
C GLN A 43 20.84 -15.88 8.74
N GLY A 44 22.01 -15.25 8.67
CA GLY A 44 22.09 -13.89 8.14
C GLY A 44 22.09 -13.85 6.63
N LEU A 45 21.97 -12.63 6.11
CA LEU A 45 22.01 -12.42 4.67
C LEU A 45 23.40 -12.76 4.13
N GLU A 46 23.42 -13.43 2.98
CA GLU A 46 24.67 -13.82 2.33
C GLU A 46 24.62 -13.40 0.88
N TRP A 47 25.69 -12.75 0.41
CA TRP A 47 25.82 -12.32 -0.96
C TRP A 47 26.39 -13.45 -1.81
N VAL A 48 25.70 -13.78 -2.90
CA VAL A 48 26.12 -14.87 -3.78
C VAL A 48 26.96 -14.35 -4.94
N GLY A 49 26.49 -13.29 -5.59
CA GLY A 49 27.20 -12.75 -6.72
C GLY A 49 26.40 -11.64 -7.35
N GLY A 50 27.04 -10.96 -8.30
CA GLY A 50 26.40 -9.87 -9.01
C GLY A 50 26.88 -9.76 -10.44
N ARG A 51 25.97 -9.41 -11.36
CA ARG A 51 26.33 -9.36 -12.77
C ARG A 51 25.52 -8.27 -13.46
N VAL A 52 26.21 -7.40 -14.20
CA VAL A 52 25.54 -6.47 -15.11
C VAL A 52 25.14 -7.29 -16.34
N PRO A 53 23.85 -7.36 -16.67
CA PRO A 53 23.44 -8.16 -17.84
C PRO A 53 24.07 -7.63 -19.12
N VAL A 54 24.43 -8.56 -20.01
CA VAL A 54 24.94 -8.28 -21.36
C VAL A 54 26.34 -7.68 -21.31
N VAL A 55 26.54 -6.65 -20.49
CA VAL A 55 27.83 -5.96 -20.46
C VAL A 55 28.95 -6.92 -20.08
N GLY A 56 28.69 -7.82 -19.13
CA GLY A 56 29.63 -8.86 -18.78
C GLY A 56 30.47 -8.61 -17.54
N ILE A 57 30.27 -7.51 -16.83
CA ILE A 57 30.94 -7.28 -15.55
C ILE A 57 30.25 -8.14 -14.49
N TYR A 58 31.02 -9.02 -13.85
CA TYR A 58 30.42 -9.92 -12.87
C TYR A 58 31.48 -10.38 -11.88
N LYS A 59 31.02 -10.72 -10.69
CA LYS A 59 31.85 -11.29 -9.63
C LYS A 59 31.03 -12.33 -8.87
N TYR A 60 31.70 -13.40 -8.44
CA TYR A 60 31.09 -14.45 -7.64
C TYR A 60 31.63 -14.40 -6.23
N GLY A 61 30.79 -14.77 -5.27
CA GLY A 61 31.25 -14.88 -3.90
C GLY A 61 32.28 -15.99 -3.77
N LYS A 62 33.27 -15.76 -2.89
CA LYS A 62 34.35 -16.73 -2.71
C LYS A 62 33.80 -18.12 -2.41
N LYS A 63 32.76 -18.19 -1.58
CA LYS A 63 32.18 -19.48 -1.23
C LYS A 63 31.53 -20.16 -2.44
N PHE A 64 31.07 -19.38 -3.42
CA PHE A 64 30.30 -19.94 -4.53
C PHE A 64 31.07 -20.00 -5.83
N HIS A 65 32.31 -19.50 -5.85
CA HIS A 65 33.15 -19.68 -7.04
C HIS A 65 33.37 -21.17 -7.27
N ASP A 66 33.48 -21.56 -8.53
CA ASP A 66 33.58 -22.91 -9.06
C ASP A 66 32.22 -23.64 -9.01
N ARG A 67 31.22 -23.11 -8.30
CA ARG A 67 29.91 -23.73 -8.23
C ARG A 67 28.81 -22.90 -8.87
N LEU A 68 29.07 -21.62 -9.14
CA LEU A 68 28.05 -20.68 -9.55
C LEU A 68 28.27 -20.21 -10.97
N ARG A 69 27.17 -20.00 -11.70
CA ARG A 69 27.19 -19.38 -13.01
C ARG A 69 26.02 -18.41 -13.10
N LEU A 70 26.30 -17.17 -13.49
CA LEU A 70 25.29 -16.14 -13.70
C LEU A 70 25.26 -15.78 -15.17
N TYR A 71 24.07 -15.82 -15.76
CA TYR A 71 23.91 -15.49 -17.17
C TYR A 71 22.52 -14.90 -17.37
N GLU A 72 22.27 -14.46 -18.61
CA GLU A 72 21.02 -13.82 -18.95
C GLU A 72 20.56 -14.30 -20.32
N ASP A 73 19.30 -13.97 -20.65
CA ASP A 73 18.73 -14.18 -21.97
C ASP A 73 18.29 -12.82 -22.49
N ASP A 74 19.09 -12.24 -23.38
CA ASP A 74 18.78 -10.90 -23.89
C ASP A 74 17.43 -10.82 -24.60
N PRO A 75 17.00 -11.79 -25.41
CA PRO A 75 15.65 -11.69 -26.00
C PRO A 75 14.54 -11.62 -24.97
N MET A 76 14.58 -12.48 -23.96
CA MET A 76 13.52 -12.53 -22.95
C MET A 76 13.72 -11.53 -21.81
N LYS A 77 14.84 -10.81 -21.78
CA LYS A 77 15.14 -9.86 -20.71
C LYS A 77 15.03 -10.52 -19.34
N THR A 78 15.71 -11.67 -19.20
CA THR A 78 15.63 -12.48 -17.99
C THR A 78 17.04 -12.89 -17.57
N VAL A 79 17.34 -12.74 -16.28
CA VAL A 79 18.63 -13.15 -15.74
C VAL A 79 18.44 -14.46 -15.00
N PHE A 80 19.49 -15.28 -14.95
CA PHE A 80 19.44 -16.61 -14.38
C PHE A 80 20.58 -16.81 -13.40
N LEU A 81 20.32 -17.64 -12.38
CA LEU A 81 21.34 -18.08 -11.45
C LEU A 81 21.38 -19.60 -11.46
N GLU A 82 22.57 -20.17 -11.61
CA GLU A 82 22.78 -21.61 -11.59
C GLU A 82 23.80 -21.96 -10.52
N LEU A 83 23.39 -22.79 -9.56
CA LEU A 83 24.26 -23.27 -8.50
C LEU A 83 24.35 -24.78 -8.61
N ARG A 84 25.57 -25.32 -8.61
CA ARG A 84 25.79 -26.75 -8.79
C ARG A 84 26.22 -27.39 -7.47
N SER A 85 26.22 -28.73 -7.48
CA SER A 85 26.66 -29.54 -6.34
C SER A 85 25.98 -29.10 -5.05
N LEU A 86 24.65 -29.08 -5.09
CA LEU A 86 23.87 -28.56 -3.97
C LEU A 86 24.01 -29.47 -2.76
N THR A 87 24.08 -28.85 -1.58
CA THR A 87 24.09 -29.55 -0.30
C THR A 87 23.06 -28.91 0.63
N SER A 88 23.01 -29.40 1.86
CA SER A 88 22.03 -28.88 2.82
C SER A 88 22.30 -27.42 3.18
N ASP A 89 23.55 -26.97 3.06
CA ASP A 89 23.87 -25.57 3.35
C ASP A 89 23.35 -24.61 2.30
N ASP A 90 22.87 -25.11 1.15
CA ASP A 90 22.34 -24.28 0.09
C ASP A 90 20.83 -24.08 0.19
N THR A 91 20.17 -24.72 1.16
CA THR A 91 18.75 -24.51 1.36
C THR A 91 18.50 -23.11 1.90
N GLY A 92 17.59 -22.39 1.26
CA GLY A 92 17.27 -21.05 1.71
C GLY A 92 16.43 -20.31 0.68
N VAL A 93 16.25 -19.02 0.94
CA VAL A 93 15.52 -18.13 0.04
C VAL A 93 16.54 -17.31 -0.74
N TYR A 94 16.34 -17.22 -2.06
CA TYR A 94 17.27 -16.53 -2.95
C TYR A 94 16.57 -15.32 -3.54
N TYR A 95 17.13 -14.14 -3.31
CA TYR A 95 16.59 -12.89 -3.81
C TYR A 95 17.49 -12.32 -4.90
N CYS A 96 16.89 -11.82 -5.97
CA CYS A 96 17.60 -10.99 -6.93
C CYS A 96 17.32 -9.52 -6.59
N THR A 97 18.36 -8.71 -6.54
CA THR A 97 18.24 -7.32 -6.11
C THR A 97 18.96 -6.42 -7.09
N ARG A 98 18.52 -5.16 -7.14
CA ARG A 98 19.26 -4.15 -7.86
C ARG A 98 18.98 -2.78 -7.26
N TRP A 99 19.78 -1.81 -7.68
CA TRP A 99 19.61 -0.41 -7.34
C TRP A 99 18.72 0.24 -8.39
N ARG A 100 17.77 1.06 -7.92
CA ARG A 100 16.87 1.72 -8.87
C ARG A 100 17.63 2.72 -9.74
N GLY A 101 18.53 3.50 -9.14
CA GLY A 101 19.35 4.44 -9.89
C GLY A 101 18.51 5.45 -10.66
N CYS A 102 18.82 5.60 -11.96
CA CYS A 102 18.03 6.47 -12.81
C CYS A 102 16.74 5.82 -13.28
N GLY A 103 16.48 4.58 -12.90
CA GLY A 103 15.27 3.88 -13.30
C GLY A 103 15.19 3.72 -14.81
N MET A 104 14.33 4.53 -15.41
CA MET A 104 14.15 4.54 -16.86
C MET A 104 15.22 5.44 -17.48
N CYS A 105 16.47 4.98 -17.34
CA CYS A 105 17.62 5.77 -17.79
C CYS A 105 17.54 6.03 -19.28
N PRO A 106 17.57 7.29 -19.68
CA PRO A 106 17.43 7.68 -21.07
C PRO A 106 18.79 8.04 -21.64
N TYR A 107 19.21 7.29 -22.67
CA TYR A 107 20.48 7.54 -23.37
C TYR A 107 21.67 7.49 -22.40
N ASP A 108 21.63 6.57 -21.43
CA ASP A 108 22.71 6.54 -20.45
C ASP A 108 23.90 5.73 -20.96
N THR A 109 23.65 4.49 -21.39
CA THR A 109 24.71 3.62 -21.93
C THR A 109 25.88 3.47 -20.96
N SER A 110 25.61 3.58 -19.66
CA SER A 110 26.64 3.50 -18.63
C SER A 110 26.32 2.33 -17.70
N SER A 111 27.36 1.81 -17.06
CA SER A 111 27.25 0.62 -16.23
C SER A 111 27.57 0.95 -14.78
N TYR A 112 26.70 0.51 -13.87
CA TYR A 112 26.87 0.71 -12.44
C TYR A 112 26.83 -0.63 -11.72
N TYR A 113 27.87 -0.91 -10.95
CA TYR A 113 28.00 -2.17 -10.22
C TYR A 113 27.92 -2.01 -8.71
N ASN A 114 28.66 -1.06 -8.15
CA ASN A 114 28.75 -0.91 -6.70
C ASN A 114 27.64 0.02 -6.22
N ASP A 115 26.50 -0.57 -5.86
CA ASP A 115 25.37 0.18 -5.35
C ASP A 115 24.65 -0.66 -4.31
N ALA A 116 23.94 0.02 -3.41
CA ALA A 116 23.06 -0.68 -2.49
C ALA A 116 21.86 -1.24 -3.26
N SER A 117 21.06 -2.04 -2.58
CA SER A 117 19.92 -2.71 -3.19
C SER A 117 18.64 -2.23 -2.52
N ASP A 118 17.89 -1.38 -3.21
CA ASP A 118 16.60 -0.91 -2.73
C ASP A 118 15.43 -1.55 -3.48
N VAL A 119 15.71 -2.41 -4.46
CA VAL A 119 14.69 -3.16 -5.18
C VAL A 119 14.99 -4.65 -4.98
N TRP A 120 14.03 -5.37 -4.41
CA TRP A 120 14.18 -6.79 -4.13
C TRP A 120 13.04 -7.57 -4.78
N GLY A 121 13.36 -8.75 -5.29
CA GLY A 121 12.34 -9.67 -5.72
C GLY A 121 11.69 -10.35 -4.54
N PRO A 122 10.60 -11.08 -4.80
CA PRO A 122 9.91 -11.76 -3.70
C PRO A 122 10.77 -12.81 -3.02
N GLY A 123 11.70 -13.41 -3.73
CA GLY A 123 12.53 -14.48 -3.20
C GLY A 123 12.09 -15.81 -3.77
N THR A 124 13.04 -16.70 -4.00
CA THR A 124 12.76 -18.05 -4.50
C THR A 124 13.25 -19.05 -3.46
N LYS A 125 12.33 -19.88 -2.97
CA LYS A 125 12.66 -20.90 -1.98
C LYS A 125 13.30 -22.09 -2.67
N VAL A 126 14.50 -22.46 -2.23
CA VAL A 126 15.22 -23.61 -2.77
C VAL A 126 15.41 -24.60 -1.64
N ILE A 127 14.79 -25.77 -1.78
CA ILE A 127 14.85 -26.82 -0.77
C ILE A 127 15.70 -27.96 -1.33
N VAL A 128 16.80 -28.26 -0.65
CA VAL A 128 17.70 -29.34 -1.03
C VAL A 128 17.31 -30.55 -0.21
N SER A 129 16.62 -31.49 -0.84
CA SER A 129 16.11 -32.67 -0.15
C SER A 129 15.88 -33.77 -1.18
N ALA A 130 16.26 -34.99 -0.81
CA ALA A 130 16.06 -36.15 -1.66
C ALA A 130 14.68 -36.79 -1.48
N ALA A 131 13.72 -36.03 -0.96
CA ALA A 131 12.45 -36.59 -0.54
C ALA A 131 11.36 -36.27 -1.55
N SER A 132 10.37 -37.16 -1.63
CA SER A 132 9.18 -36.94 -2.42
C SER A 132 8.02 -36.50 -1.52
N THR A 133 6.91 -36.12 -2.15
CA THR A 133 5.73 -35.70 -1.41
C THR A 133 5.26 -36.80 -0.48
N LYS A 134 5.10 -36.46 0.80
CA LYS A 134 4.77 -37.45 1.83
C LYS A 134 3.95 -36.80 2.93
N GLY A 135 2.82 -37.41 3.26
CA GLY A 135 1.96 -36.92 4.31
C GLY A 135 2.54 -37.18 5.68
N PRO A 136 2.10 -36.41 6.66
CA PRO A 136 2.69 -36.50 8.00
C PRO A 136 2.08 -37.61 8.83
N SER A 137 2.88 -38.10 9.78
CA SER A 137 2.40 -38.96 10.85
C SER A 137 2.28 -38.13 12.12
N VAL A 138 1.20 -38.33 12.86
CA VAL A 138 0.86 -37.49 14.00
C VAL A 138 0.98 -38.31 15.26
N PHE A 139 1.87 -37.89 16.16
CA PHE A 139 2.09 -38.56 17.42
C PHE A 139 1.69 -37.65 18.58
N PRO A 140 1.14 -38.20 19.65
CA PRO A 140 0.75 -37.37 20.79
C PRO A 140 1.95 -37.00 21.66
N LEU A 141 1.78 -35.90 22.38
CA LEU A 141 2.74 -35.48 23.40
C LEU A 141 1.98 -35.50 24.72
N ALA A 142 2.10 -36.63 25.44
CA ALA A 142 1.29 -36.92 26.63
C ALA A 142 1.96 -36.34 27.87
N PRO A 143 1.21 -35.66 28.75
CA PRO A 143 1.77 -35.06 29.96
C PRO A 143 1.86 -36.05 31.12
N GLY A 150 3.03 -25.75 38.27
CA GLY A 150 2.15 -24.98 39.12
C GLY A 150 0.70 -25.03 38.67
N GLY A 151 0.11 -26.21 38.73
CA GLY A 151 -1.27 -26.37 38.31
C GLY A 151 -1.50 -26.31 36.82
N THR A 152 -0.44 -26.18 36.03
CA THR A 152 -0.53 -26.12 34.57
C THR A 152 0.26 -27.27 33.97
N ALA A 153 -0.35 -27.94 32.99
CA ALA A 153 0.27 -29.03 32.27
C ALA A 153 0.35 -28.68 30.78
N ALA A 154 1.11 -29.47 30.05
CA ALA A 154 1.31 -29.25 28.63
C ALA A 154 1.11 -30.56 27.88
N LEU A 155 0.40 -30.47 26.76
CA LEU A 155 0.23 -31.58 25.84
C LEU A 155 0.33 -31.02 24.43
N GLY A 156 0.49 -31.91 23.46
CA GLY A 156 0.62 -31.43 22.10
C GLY A 156 0.63 -32.56 21.10
N CYS A 157 0.93 -32.18 19.86
CA CYS A 157 1.03 -33.10 18.74
C CYS A 157 2.37 -32.92 18.07
N LEU A 158 3.04 -34.02 17.78
CA LEU A 158 4.29 -34.01 17.02
C LEU A 158 3.95 -34.46 15.60
N VAL A 159 3.99 -33.51 14.67
CA VAL A 159 3.65 -33.76 13.27
C VAL A 159 4.97 -33.98 12.54
N LYS A 160 5.26 -35.23 12.19
CA LYS A 160 6.61 -35.64 11.83
C LYS A 160 6.66 -36.28 10.45
N ASP A 161 7.79 -36.06 9.77
CA ASP A 161 8.14 -36.76 8.53
C ASP A 161 7.10 -36.51 7.42
N TYR A 162 7.01 -35.25 7.01
CA TYR A 162 6.17 -34.88 5.89
C TYR A 162 6.98 -34.02 4.93
N PHE A 163 6.49 -33.92 3.70
CA PHE A 163 7.16 -33.14 2.67
C PHE A 163 6.15 -32.82 1.59
N PRO A 164 6.09 -31.59 1.09
CA PRO A 164 6.87 -30.47 1.63
C PRO A 164 6.11 -29.63 2.65
N GLU A 165 6.64 -28.44 2.94
CA GLU A 165 5.92 -27.44 3.71
C GLU A 165 4.71 -26.96 2.90
N PRO A 166 3.64 -26.48 3.57
CA PRO A 166 3.35 -26.34 4.99
C PRO A 166 2.29 -27.29 5.53
N VAL A 167 2.22 -27.39 6.86
CA VAL A 167 1.14 -28.07 7.55
C VAL A 167 0.39 -27.05 8.37
N THR A 168 -0.91 -27.26 8.52
CA THR A 168 -1.76 -26.44 9.36
C THR A 168 -2.22 -27.26 10.55
N VAL A 169 -2.05 -26.72 11.76
CA VAL A 169 -2.46 -27.40 12.97
C VAL A 169 -3.43 -26.50 13.75
N SER A 170 -4.56 -27.05 14.15
CA SER A 170 -5.49 -26.39 15.04
C SER A 170 -5.91 -27.37 16.12
N TRP A 171 -6.61 -26.87 17.14
CA TRP A 171 -7.04 -27.69 18.26
C TRP A 171 -8.54 -27.56 18.45
N ASN A 172 -9.23 -28.70 18.54
CA ASN A 172 -10.67 -28.76 18.70
C ASN A 172 -11.38 -27.95 17.61
N SER A 173 -11.01 -28.24 16.36
CA SER A 173 -11.54 -27.56 15.18
C SER A 173 -11.25 -26.07 15.18
N GLY A 174 -10.29 -25.63 15.99
CA GLY A 174 -10.01 -24.22 16.16
C GLY A 174 -10.71 -23.56 17.33
N ALA A 175 -11.49 -24.31 18.11
CA ALA A 175 -12.18 -23.73 19.26
C ALA A 175 -11.25 -23.47 20.43
N LEU A 176 -10.15 -24.21 20.52
CA LEU A 176 -9.15 -24.00 21.55
C LEU A 176 -7.97 -23.24 20.93
N THR A 177 -7.75 -22.01 21.38
CA THR A 177 -6.69 -21.18 20.81
C THR A 177 -5.80 -20.58 21.89
N SER A 178 -6.34 -20.40 23.09
CA SER A 178 -5.56 -19.84 24.19
C SER A 178 -4.47 -20.80 24.61
N GLY A 179 -3.24 -20.30 24.72
CA GLY A 179 -2.13 -21.12 25.14
C GLY A 179 -1.62 -22.08 24.11
N VAL A 180 -1.88 -21.84 22.82
CA VAL A 180 -1.47 -22.72 21.74
C VAL A 180 -0.20 -22.17 21.10
N HIS A 181 0.82 -23.01 20.96
CA HIS A 181 2.05 -22.66 20.26
C HIS A 181 2.31 -23.71 19.18
N THR A 182 2.25 -23.29 17.93
CA THR A 182 2.68 -24.11 16.80
C THR A 182 4.07 -23.65 16.38
N PHE A 183 5.07 -24.50 16.56
CA PHE A 183 6.45 -24.14 16.28
C PHE A 183 6.75 -24.20 14.79
N PRO A 184 7.75 -23.44 14.33
CA PRO A 184 8.19 -23.55 12.94
C PRO A 184 8.71 -24.94 12.65
N ALA A 185 8.43 -25.44 11.45
CA ALA A 185 8.91 -26.75 11.06
C ALA A 185 10.43 -26.72 10.85
N VAL A 186 11.08 -27.78 11.32
CA VAL A 186 12.51 -27.98 11.12
C VAL A 186 12.71 -29.07 10.08
N LEU A 187 13.73 -28.91 9.25
CA LEU A 187 14.09 -29.90 8.25
C LEU A 187 15.16 -30.81 8.84
N GLN A 188 14.82 -32.07 9.06
CA GLN A 188 15.75 -33.00 9.68
C GLN A 188 16.63 -33.65 8.61
N SER A 189 17.67 -34.36 9.07
CA SER A 189 18.70 -34.85 8.17
C SER A 189 18.16 -35.82 7.12
N SER A 190 17.00 -36.43 7.36
CA SER A 190 16.40 -37.33 6.38
C SER A 190 15.82 -36.59 5.18
N GLY A 191 15.73 -35.26 5.24
CA GLY A 191 15.11 -34.48 4.19
C GLY A 191 13.63 -34.22 4.36
N LEU A 192 13.03 -34.65 5.47
CA LEU A 192 11.61 -34.48 5.73
C LEU A 192 11.41 -33.41 6.81
N TYR A 193 10.24 -32.79 6.80
CA TYR A 193 9.94 -31.75 7.77
C TYR A 193 9.28 -32.35 9.02
N SER A 194 9.38 -31.60 10.12
CA SER A 194 8.83 -32.03 11.40
C SER A 194 8.57 -30.80 12.25
N LEU A 195 7.38 -30.73 12.84
CA LEU A 195 7.05 -29.67 13.79
C LEU A 195 6.17 -30.21 14.90
N SER A 196 6.03 -29.41 15.94
CA SER A 196 5.17 -29.71 17.07
C SER A 196 4.23 -28.53 17.32
N SER A 197 3.07 -28.83 17.85
CA SER A 197 2.12 -27.83 18.32
C SER A 197 1.71 -28.21 19.73
N VAL A 198 1.70 -27.23 20.64
CA VAL A 198 1.49 -27.50 22.05
C VAL A 198 0.40 -26.59 22.58
N VAL A 199 -0.17 -27.00 23.71
CA VAL A 199 -1.17 -26.20 24.42
C VAL A 199 -1.01 -26.43 25.91
N THR A 200 -1.06 -25.35 26.68
CA THR A 200 -1.01 -25.41 28.13
C THR A 200 -2.42 -25.25 28.71
N VAL A 201 -2.78 -26.13 29.63
CA VAL A 201 -4.10 -26.14 30.24
C VAL A 201 -3.95 -26.39 31.74
N PRO A 202 -4.99 -26.11 32.53
CA PRO A 202 -4.94 -26.46 33.95
C PRO A 202 -4.85 -27.97 34.14
N SER A 203 -3.96 -28.38 35.04
CA SER A 203 -3.76 -29.79 35.32
C SER A 203 -5.04 -30.48 35.78
N SER A 204 -6.00 -29.74 36.32
CA SER A 204 -7.28 -30.33 36.70
C SER A 204 -8.05 -30.79 35.47
N SER A 205 -7.86 -30.13 34.33
CA SER A 205 -8.61 -30.42 33.12
C SER A 205 -8.17 -31.70 32.42
N LEU A 206 -7.10 -32.35 32.90
CA LEU A 206 -6.57 -33.53 32.19
C LEU A 206 -7.56 -34.69 32.24
N GLY A 207 -8.12 -34.96 33.42
CA GLY A 207 -9.10 -36.02 33.55
C GLY A 207 -10.43 -35.69 32.90
N THR A 208 -10.67 -34.40 32.64
CA THR A 208 -11.97 -33.93 32.18
C THR A 208 -12.01 -33.67 30.68
N GLN A 209 -11.28 -32.66 30.26
CA GLN A 209 -11.41 -32.12 28.91
C GLN A 209 -10.79 -33.06 27.88
N THR A 210 -11.36 -33.04 26.68
CA THR A 210 -10.82 -33.75 25.53
C THR A 210 -10.01 -32.78 24.68
N TYR A 211 -8.85 -33.23 24.23
CA TYR A 211 -7.93 -32.39 23.45
C TYR A 211 -7.59 -33.11 22.15
N ILE A 212 -8.06 -32.55 21.05
CA ILE A 212 -7.88 -33.12 19.72
C ILE A 212 -7.20 -32.09 18.83
N CYS A 213 -6.10 -32.48 18.20
CA CYS A 213 -5.40 -31.61 17.27
C CYS A 213 -5.75 -32.00 15.84
N ASN A 214 -6.01 -30.98 15.02
CA ASN A 214 -6.40 -31.15 13.62
C ASN A 214 -5.20 -30.79 12.75
N VAL A 215 -4.73 -31.74 11.95
CA VAL A 215 -3.54 -31.58 11.12
C VAL A 215 -3.95 -31.59 9.66
N ASN A 216 -3.52 -30.56 8.93
CA ASN A 216 -3.82 -30.42 7.52
C ASN A 216 -2.52 -30.34 6.73
N HIS A 217 -2.39 -31.19 5.71
CA HIS A 217 -1.25 -31.14 4.79
C HIS A 217 -1.82 -31.24 3.38
N LYS A 218 -1.99 -30.08 2.74
CA LYS A 218 -2.62 -30.00 1.43
C LYS A 218 -1.80 -30.64 0.31
N PRO A 219 -0.46 -30.50 0.28
CA PRO A 219 0.31 -31.20 -0.75
C PRO A 219 0.07 -32.70 -0.77
N SER A 220 -0.42 -33.26 0.32
CA SER A 220 -0.71 -34.69 0.41
C SER A 220 -2.20 -35.00 0.52
N ASN A 221 -3.05 -33.97 0.62
CA ASN A 221 -4.50 -34.13 0.83
C ASN A 221 -4.79 -34.94 2.09
N THR A 222 -4.09 -34.60 3.17
CA THR A 222 -4.26 -35.24 4.47
C THR A 222 -5.03 -34.31 5.40
N LYS A 223 -6.14 -34.80 5.95
CA LYS A 223 -6.83 -34.14 7.06
C LYS A 223 -7.04 -35.18 8.14
N VAL A 224 -6.43 -34.95 9.30
CA VAL A 224 -6.30 -35.99 10.32
C VAL A 224 -6.58 -35.38 11.69
N ASP A 225 -7.30 -36.13 12.52
CA ASP A 225 -7.59 -35.75 13.91
C ASP A 225 -6.94 -36.76 14.84
N LYS A 226 -6.18 -36.26 15.81
CA LYS A 226 -5.53 -37.09 16.82
C LYS A 226 -6.02 -36.69 18.21
N LYS A 227 -6.43 -37.67 19.00
CA LYS A 227 -6.83 -37.43 20.38
C LYS A 227 -5.62 -37.56 21.30
N VAL A 228 -5.41 -36.56 22.14
CA VAL A 228 -4.25 -36.52 23.03
C VAL A 228 -4.73 -36.88 24.43
N GLU A 229 -4.37 -38.08 24.89
CA GLU A 229 -4.82 -38.55 26.20
C GLU A 229 -3.63 -38.73 27.14
N PRO A 230 -3.80 -38.39 28.42
CA PRO A 230 -2.73 -38.62 29.40
C PRO A 230 -2.56 -40.10 29.74
N LYS A 231 -1.31 -40.47 29.99
CA LYS A 231 -0.98 -41.82 30.44
C LYS A 231 -0.73 -41.85 31.95
N GLU B 1 37.65 -10.47 2.21
CA GLU B 1 38.82 -9.66 2.52
C GLU B 1 38.45 -8.64 3.61
N ILE B 2 37.21 -8.14 3.55
CA ILE B 2 36.67 -7.22 4.54
C ILE B 2 35.56 -7.95 5.28
N VAL B 3 35.62 -7.97 6.61
CA VAL B 3 34.65 -8.67 7.44
C VAL B 3 33.87 -7.65 8.25
N LEU B 4 32.56 -7.81 8.31
CA LEU B 4 31.67 -6.93 9.05
C LEU B 4 31.16 -7.65 10.29
N THR B 5 31.23 -6.98 11.44
CA THR B 5 30.71 -7.52 12.69
C THR B 5 29.75 -6.53 13.32
N GLN B 6 28.67 -7.05 13.89
CA GLN B 6 27.65 -6.24 14.52
C GLN B 6 27.54 -6.59 16.01
N SER B 7 27.21 -5.57 16.80
CA SER B 7 26.98 -5.73 18.22
C SER B 7 25.85 -4.79 18.61
N PRO B 8 24.95 -5.20 19.51
CA PRO B 8 24.98 -6.53 20.14
C PRO B 8 24.33 -7.59 19.27
N VAL B 9 24.28 -8.83 19.75
CA VAL B 9 23.56 -9.88 19.04
C VAL B 9 22.07 -9.60 19.05
N THR B 10 21.53 -9.23 20.21
CA THR B 10 20.13 -8.89 20.37
C THR B 10 20.02 -7.55 21.08
N LEU B 11 19.06 -6.74 20.65
CA LEU B 11 18.80 -5.44 21.26
C LEU B 11 17.34 -5.39 21.70
N SER B 12 17.12 -5.14 22.99
CA SER B 12 15.79 -5.10 23.58
C SER B 12 15.43 -3.65 23.87
N LEU B 13 14.26 -3.23 23.38
CA LEU B 13 13.85 -1.83 23.45
C LEU B 13 12.45 -1.71 24.02
N SER B 14 12.25 -0.67 24.82
CA SER B 14 10.93 -0.26 25.29
C SER B 14 10.27 0.62 24.23
N SER B 15 9.08 1.14 24.54
CA SER B 15 8.38 1.97 23.58
C SER B 15 9.21 3.21 23.22
N GLY B 16 9.28 4.18 24.12
CA GLY B 16 9.99 5.40 23.85
C GLY B 16 11.50 5.29 23.76
N GLU B 17 12.07 4.11 24.01
CA GLU B 17 13.52 3.98 24.05
C GLU B 17 14.16 4.17 22.68
N THR B 18 15.42 4.60 22.71
CA THR B 18 16.26 4.81 21.54
C THR B 18 17.46 3.87 21.62
N GLY B 19 17.73 3.14 20.54
CA GLY B 19 18.81 2.18 20.54
C GLY B 19 19.81 2.41 19.43
N THR B 20 21.03 1.92 19.62
CA THR B 20 22.12 2.14 18.66
C THR B 20 22.71 0.79 18.27
N LEU B 21 22.77 0.53 16.97
CA LEU B 21 23.38 -0.68 16.43
C LEU B 21 24.75 -0.34 15.86
N SER B 22 25.72 -1.22 16.12
CA SER B 22 27.10 -0.98 15.71
C SER B 22 27.48 -1.94 14.59
N CYS B 23 28.20 -1.42 13.59
CA CYS B 23 28.77 -2.23 12.53
C CYS B 23 30.27 -2.00 12.54
N ARG B 24 31.04 -3.07 12.74
CA ARG B 24 32.48 -2.99 12.87
C ARG B 24 33.14 -3.65 11.67
N ALA B 25 33.95 -2.88 10.96
CA ALA B 25 34.64 -3.38 9.78
C ALA B 25 36.04 -3.87 10.16
N SER B 26 36.57 -4.81 9.36
CA SER B 26 37.87 -5.38 9.65
C SER B 26 38.99 -4.39 9.42
N GLN B 27 38.83 -3.48 8.46
CA GLN B 27 39.83 -2.48 8.16
C GLN B 27 39.14 -1.15 7.83
N ASN B 28 39.95 -0.11 7.70
CA ASN B 28 39.43 1.23 7.41
C ASN B 28 38.84 1.28 6.01
N ILE B 29 37.55 1.60 5.92
CA ILE B 29 36.82 1.68 4.66
C ILE B 29 36.19 3.07 4.55
N SER B 30 35.75 3.40 3.34
CA SER B 30 35.10 4.67 3.08
C SER B 30 33.61 4.57 3.40
N SER B 31 33.05 5.65 3.93
CA SER B 31 31.65 5.65 4.34
C SER B 31 30.70 5.54 3.16
N SER B 32 31.19 5.70 1.93
CA SER B 32 30.33 5.62 0.75
C SER B 32 29.88 4.20 0.42
N TRP B 33 30.44 3.18 1.09
CA TRP B 33 30.18 1.80 0.74
C TRP B 33 29.49 1.02 1.86
N ILE B 34 28.70 1.69 2.68
CA ILE B 34 28.02 1.06 3.80
C ILE B 34 26.52 1.27 3.65
N ALA B 35 25.76 0.19 3.73
CA ALA B 35 24.31 0.25 3.68
C ALA B 35 23.73 -0.47 4.89
N TRP B 36 22.49 -0.12 5.24
CA TRP B 36 21.76 -0.74 6.33
C TRP B 36 20.45 -1.28 5.81
N TYR B 37 20.11 -2.51 6.21
CA TYR B 37 18.90 -3.18 5.78
C TYR B 37 18.06 -3.59 6.97
N GLN B 38 16.76 -3.64 6.76
CA GLN B 38 15.79 -4.04 7.76
C GLN B 38 15.05 -5.27 7.25
N GLN B 39 14.85 -6.24 8.13
CA GLN B 39 14.19 -7.49 7.78
C GLN B 39 13.08 -7.73 8.77
N ARG B 40 11.84 -7.62 8.30
CA ARG B 40 10.69 -7.96 9.11
C ARG B 40 10.55 -9.48 9.19
N ARG B 41 9.85 -9.93 10.23
CA ARG B 41 9.79 -11.36 10.51
C ARG B 41 9.17 -12.16 9.37
N GLY B 42 8.42 -11.51 8.48
CA GLY B 42 7.81 -12.19 7.36
C GLY B 42 7.76 -11.35 6.09
N GLN B 43 8.91 -10.79 5.70
CA GLN B 43 8.98 -9.91 4.54
C GLN B 43 10.38 -9.96 3.94
N VAL B 44 10.49 -9.45 2.72
CA VAL B 44 11.77 -9.31 2.03
C VAL B 44 12.51 -8.15 2.69
N PRO B 45 13.85 -8.15 2.67
CA PRO B 45 14.60 -7.06 3.30
C PRO B 45 14.32 -5.72 2.64
N ARG B 46 14.42 -4.67 3.46
CA ARG B 46 14.19 -3.30 3.03
C ARG B 46 15.45 -2.47 3.26
N LEU B 47 15.79 -1.64 2.29
CA LEU B 47 16.93 -0.74 2.44
C LEU B 47 16.53 0.47 3.28
N LEU B 48 17.34 0.78 4.29
CA LEU B 48 17.15 1.96 5.13
C LEU B 48 18.15 3.06 4.83
N ILE B 49 19.44 2.72 4.74
CA ILE B 49 20.50 3.70 4.63
C ILE B 49 21.48 3.22 3.56
N SER B 50 21.90 4.13 2.68
CA SER B 50 23.01 3.90 1.78
C SER B 50 24.08 4.95 2.06
N ALA B 51 25.32 4.64 1.68
CA ALA B 51 26.46 5.53 1.88
C ALA B 51 26.53 6.05 3.32
N ALA B 52 26.50 5.12 4.27
CA ALA B 52 26.62 5.38 5.70
C ALA B 52 25.49 6.25 6.27
N SER B 53 25.15 7.35 5.60
CA SER B 53 24.21 8.30 6.16
C SER B 53 23.04 8.67 5.25
N ALA B 54 23.06 8.30 3.98
CA ALA B 54 21.99 8.70 3.07
C ALA B 54 20.76 7.86 3.33
N ARG B 55 19.65 8.51 3.67
CA ARG B 55 18.41 7.83 3.97
C ARG B 55 17.70 7.46 2.67
N ALA B 56 17.25 6.22 2.56
CA ALA B 56 16.61 5.77 1.35
C ALA B 56 15.23 6.42 1.19
N ALA B 57 14.69 6.36 -0.02
CA ALA B 57 13.43 7.02 -0.32
C ALA B 57 12.29 6.37 0.45
N GLY B 58 11.46 7.19 1.07
CA GLY B 58 10.36 6.68 1.86
C GLY B 58 10.73 6.18 3.24
N ILE B 59 11.97 6.41 3.68
CA ILE B 59 12.39 5.98 5.01
C ILE B 59 12.22 7.14 5.98
N PRO B 60 11.51 6.94 7.10
CA PRO B 60 11.25 8.05 8.03
C PRO B 60 12.50 8.52 8.75
N ASP B 61 12.34 9.67 9.40
CA ASP B 61 13.36 10.46 10.13
C ASP B 61 13.83 9.67 11.36
N ARG B 62 13.10 8.62 11.69
CA ARG B 62 13.34 7.75 12.88
C ARG B 62 14.73 7.10 12.78
N PHE B 63 15.13 6.71 11.56
CA PHE B 63 16.44 6.03 11.37
C PHE B 63 17.48 7.00 10.81
N THR B 64 18.66 7.04 11.45
CA THR B 64 19.78 7.85 11.01
C THR B 64 21.06 7.04 11.08
N GLY B 65 21.93 7.22 10.10
CA GLY B 65 23.19 6.49 10.03
C GLY B 65 24.38 7.42 10.12
N ARG B 66 25.43 6.92 10.76
CA ARG B 66 26.66 7.69 10.95
C ARG B 66 27.84 6.72 10.88
N GLY B 67 29.04 7.28 10.83
CA GLY B 67 30.24 6.48 10.98
C GLY B 67 31.39 6.96 10.12
N SER B 68 32.58 6.46 10.45
CA SER B 68 33.81 6.74 9.72
C SER B 68 34.81 5.65 10.07
N GLY B 69 35.87 5.56 9.27
CA GLY B 69 36.93 4.60 9.51
C GLY B 69 36.47 3.15 9.52
N THR B 70 36.38 2.56 10.71
CA THR B 70 35.98 1.16 10.85
C THR B 70 34.71 0.96 11.66
N ASP B 71 34.15 2.00 12.25
CA ASP B 71 33.00 1.88 13.14
C ASP B 71 31.84 2.67 12.55
N PHE B 72 30.72 2.00 12.32
CA PHE B 72 29.51 2.60 11.78
C PHE B 72 28.33 2.25 12.68
N THR B 73 27.40 3.19 12.82
CA THR B 73 26.29 3.02 13.74
C THR B 73 24.98 3.39 13.06
N LEU B 74 23.91 2.70 13.47
CA LEU B 74 22.55 3.02 13.09
C LEU B 74 21.77 3.32 14.37
N THR B 75 21.11 4.48 14.39
CA THR B 75 20.40 4.95 15.57
C THR B 75 18.90 4.88 15.29
N ILE B 76 18.15 4.27 16.19
CA ILE B 76 16.71 4.15 16.06
C ILE B 76 16.04 4.87 17.22
N THR B 77 15.19 5.84 16.89
CA THR B 77 14.41 6.58 17.88
C THR B 77 12.92 6.37 17.61
N ARG B 78 12.12 6.45 18.68
CA ARG B 78 10.67 6.24 18.63
C ARG B 78 10.36 4.94 17.90
N LEU B 79 10.97 3.85 18.37
CA LEU B 79 10.82 2.56 17.70
C LEU B 79 9.34 2.19 17.61
N GLU B 80 8.94 1.70 16.44
CA GLU B 80 7.54 1.36 16.18
C GLU B 80 7.41 -0.10 15.77
N PRO B 81 6.21 -0.69 15.92
CA PRO B 81 6.08 -2.15 15.68
C PRO B 81 6.66 -2.62 14.35
N GLU B 82 6.57 -1.79 13.31
CA GLU B 82 7.14 -2.17 12.02
C GLU B 82 8.65 -2.36 12.11
N ASP B 83 9.29 -1.61 13.01
CA ASP B 83 10.75 -1.55 13.06
C ASP B 83 11.37 -2.79 13.70
N PHE B 84 10.65 -3.48 14.58
CA PHE B 84 11.22 -4.66 15.22
C PHE B 84 11.51 -5.74 14.18
N GLY B 85 12.70 -6.31 14.24
CA GLY B 85 13.13 -7.27 13.24
C GLY B 85 14.64 -7.44 13.30
N VAL B 86 15.20 -7.86 12.17
CA VAL B 86 16.64 -8.08 12.04
C VAL B 86 17.23 -6.96 11.21
N TYR B 87 18.36 -6.42 11.66
CA TYR B 87 19.06 -5.33 10.99
C TYR B 87 20.43 -5.81 10.55
N SER B 88 20.76 -5.60 9.27
CA SER B 88 22.03 -6.04 8.72
C SER B 88 22.73 -4.85 8.05
N CYS B 89 24.01 -4.69 8.34
CA CYS B 89 24.83 -3.75 7.59
C CYS B 89 25.54 -4.48 6.45
N GLN B 90 25.75 -3.76 5.35
CA GLN B 90 26.36 -4.32 4.15
C GLN B 90 27.48 -3.42 3.67
N TYR B 91 28.58 -4.04 3.22
CA TYR B 91 29.65 -3.36 2.50
C TYR B 91 29.52 -3.72 1.02
N TYR B 92 29.38 -2.70 0.17
CA TYR B 92 29.19 -2.91 -1.25
C TYR B 92 30.24 -2.16 -2.08
N GLY B 93 31.46 -2.03 -1.56
CA GLY B 93 32.56 -1.52 -2.33
C GLY B 93 33.46 -2.66 -2.81
N GLY B 94 34.31 -2.35 -3.79
CA GLY B 94 35.18 -3.37 -4.31
C GLY B 94 34.43 -4.37 -5.18
N SER B 95 34.96 -5.59 -5.23
CA SER B 95 34.41 -6.63 -6.09
C SER B 95 33.46 -7.59 -5.37
N PHE B 96 33.69 -7.85 -4.08
CA PHE B 96 32.92 -8.85 -3.34
C PHE B 96 32.16 -8.15 -2.23
N PHE B 97 30.84 -8.28 -2.24
CA PHE B 97 30.00 -7.68 -1.21
C PHE B 97 29.96 -8.60 0.01
N THR B 98 29.70 -8.00 1.18
CA THR B 98 29.58 -8.75 2.41
C THR B 98 28.51 -8.13 3.29
N PHE B 99 27.86 -8.98 4.08
CA PHE B 99 26.87 -8.55 5.06
C PHE B 99 27.39 -8.80 6.46
N GLY B 100 26.89 -8.02 7.41
CA GLY B 100 27.11 -8.30 8.80
C GLY B 100 26.23 -9.43 9.26
N PRO B 101 26.54 -9.99 10.42
CA PRO B 101 25.76 -11.13 10.93
C PRO B 101 24.32 -10.77 11.23
N GLY B 102 24.03 -9.50 11.50
CA GLY B 102 22.67 -9.08 11.79
C GLY B 102 22.44 -8.91 13.27
N THR B 103 21.51 -8.03 13.61
CA THR B 103 21.09 -7.81 14.99
C THR B 103 19.57 -7.84 15.04
N GLN B 104 19.01 -8.71 15.87
CA GLN B 104 17.57 -8.73 16.09
C GLN B 104 17.18 -7.70 17.15
N VAL B 105 16.17 -6.91 16.83
CA VAL B 105 15.61 -5.93 17.76
C VAL B 105 14.23 -6.44 18.17
N ASP B 106 14.08 -6.83 19.43
CA ASP B 106 12.82 -7.34 19.95
C ASP B 106 12.30 -6.39 21.02
N VAL B 107 11.11 -6.71 21.53
CA VAL B 107 10.43 -5.86 22.50
C VAL B 107 10.93 -6.19 23.89
N LYS B 108 11.27 -5.16 24.66
CA LYS B 108 11.77 -5.34 26.01
C LYS B 108 10.63 -5.57 26.99
N ARG B 109 10.86 -6.47 27.94
CA ARG B 109 9.89 -6.74 28.99
C ARG B 109 10.64 -7.35 30.17
N THR B 110 9.92 -7.51 31.28
CA THR B 110 10.51 -8.10 32.47
C THR B 110 10.93 -9.54 32.20
N VAL B 111 12.06 -9.94 32.78
CA VAL B 111 12.55 -11.30 32.60
C VAL B 111 11.56 -12.30 33.21
N ALA B 112 11.32 -13.39 32.49
CA ALA B 112 10.37 -14.42 32.88
C ALA B 112 10.96 -15.79 32.60
N ALA B 113 10.99 -16.65 33.61
CA ALA B 113 11.61 -17.96 33.49
C ALA B 113 10.70 -18.93 32.74
N PRO B 114 11.28 -19.86 31.98
CA PRO B 114 10.48 -20.83 31.23
C PRO B 114 9.92 -21.93 32.11
N SER B 115 8.72 -22.38 31.75
CA SER B 115 8.17 -23.63 32.25
C SER B 115 8.64 -24.75 31.32
N VAL B 116 9.24 -25.79 31.91
CA VAL B 116 9.92 -26.83 31.15
C VAL B 116 9.15 -28.14 31.28
N PHE B 117 8.90 -28.78 30.15
CA PHE B 117 8.21 -30.07 30.09
C PHE B 117 9.01 -31.02 29.21
N ILE B 118 8.95 -32.31 29.55
CA ILE B 118 9.55 -33.35 28.74
C ILE B 118 8.46 -34.34 28.37
N PHE B 119 8.50 -34.82 27.13
CA PHE B 119 7.47 -35.69 26.59
C PHE B 119 8.10 -37.02 26.16
N PRO B 120 7.69 -38.14 26.74
CA PRO B 120 8.24 -39.43 26.32
C PRO B 120 7.80 -39.79 24.92
N PRO B 121 8.50 -40.71 24.26
CA PRO B 121 8.03 -41.17 22.95
C PRO B 121 6.70 -41.90 23.06
N SER B 122 5.81 -41.62 22.11
CA SER B 122 4.54 -42.32 22.06
C SER B 122 4.74 -43.78 21.68
N ASP B 123 3.82 -44.64 22.12
CA ASP B 123 3.87 -46.04 21.71
C ASP B 123 3.63 -46.20 20.22
N GLU B 124 2.82 -45.31 19.62
CA GLU B 124 2.60 -45.36 18.18
C GLU B 124 3.92 -45.20 17.42
N GLN B 125 4.80 -44.32 17.92
CA GLN B 125 6.06 -44.05 17.24
C GLN B 125 7.08 -45.17 17.46
N LEU B 126 7.03 -45.83 18.62
CA LEU B 126 8.01 -46.86 18.92
C LEU B 126 7.89 -48.03 17.94
N LYS B 127 6.67 -48.47 17.64
CA LYS B 127 6.50 -49.52 16.66
C LYS B 127 6.76 -49.04 15.21
N SER B 128 7.32 -47.86 15.01
CA SER B 128 7.68 -47.37 13.69
C SER B 128 9.18 -47.46 13.40
N GLY B 129 10.00 -47.74 14.42
CA GLY B 129 11.44 -47.89 14.24
C GLY B 129 12.26 -46.69 14.70
N THR B 130 11.61 -45.57 15.03
CA THR B 130 12.30 -44.39 15.52
C THR B 130 11.64 -43.93 16.81
N ALA B 131 12.35 -43.05 17.54
CA ALA B 131 11.86 -42.53 18.81
C ALA B 131 12.24 -41.07 18.94
N SER B 132 11.28 -40.24 19.32
CA SER B 132 11.50 -38.80 19.48
C SER B 132 11.08 -38.38 20.88
N VAL B 133 12.00 -37.76 21.61
CA VAL B 133 11.73 -37.16 22.91
C VAL B 133 11.68 -35.66 22.73
N VAL B 134 10.59 -35.04 23.19
CA VAL B 134 10.35 -33.62 22.99
C VAL B 134 10.48 -32.90 24.33
N CYS B 135 11.20 -31.79 24.33
CA CYS B 135 11.32 -30.92 25.49
C CYS B 135 10.73 -29.55 25.13
N LEU B 136 9.88 -29.03 26.01
CA LEU B 136 9.15 -27.79 25.75
C LEU B 136 9.56 -26.72 26.75
N LEU B 137 9.98 -25.57 26.25
CA LEU B 137 10.26 -24.38 27.04
C LEU B 137 9.21 -23.34 26.71
N ASN B 138 8.40 -22.98 27.71
CA ASN B 138 7.17 -22.23 27.47
C ASN B 138 7.24 -20.84 28.08
N ASN B 139 6.95 -19.82 27.26
CA ASN B 139 6.71 -18.45 27.69
C ASN B 139 7.84 -17.92 28.57
N PHE B 140 9.01 -17.74 27.95
CA PHE B 140 10.18 -17.22 28.63
C PHE B 140 10.68 -15.96 27.93
N TYR B 141 11.50 -15.20 28.67
CA TYR B 141 12.17 -14.01 28.18
C TYR B 141 13.42 -13.84 29.03
N PRO B 142 14.59 -13.55 28.43
CA PRO B 142 14.85 -13.23 27.02
C PRO B 142 14.88 -14.43 26.06
N ARG B 143 15.19 -14.14 24.80
CA ARG B 143 15.10 -15.15 23.74
C ARG B 143 16.09 -16.29 23.94
N GLU B 144 17.32 -15.99 24.32
CA GLU B 144 18.36 -17.02 24.32
C GLU B 144 18.18 -17.97 25.49
N ALA B 145 18.24 -19.27 25.19
CA ALA B 145 18.15 -20.32 26.19
C ALA B 145 18.85 -21.57 25.63
N LYS B 146 19.50 -22.32 26.51
CA LYS B 146 20.24 -23.50 26.11
C LYS B 146 19.52 -24.76 26.58
N VAL B 147 19.48 -25.77 25.71
CA VAL B 147 18.90 -27.07 26.03
C VAL B 147 19.94 -28.13 25.70
N GLN B 148 20.27 -28.95 26.69
CA GLN B 148 21.20 -30.06 26.51
C GLN B 148 20.53 -31.37 26.88
N TRP B 149 20.64 -32.36 26.02
CA TRP B 149 20.06 -33.68 26.25
C TRP B 149 21.07 -34.58 26.94
N LYS B 150 20.64 -35.25 28.00
CA LYS B 150 21.49 -36.18 28.74
C LYS B 150 20.80 -37.53 28.80
N VAL B 151 21.35 -38.50 28.08
CA VAL B 151 20.87 -39.88 28.10
C VAL B 151 21.82 -40.68 28.99
N ASP B 152 21.34 -41.05 30.18
CA ASP B 152 22.17 -41.68 31.21
C ASP B 152 23.34 -40.77 31.57
N ASN B 153 23.07 -39.47 31.67
CA ASN B 153 24.05 -38.44 31.98
C ASN B 153 25.13 -38.31 30.91
N ALA B 154 24.89 -38.85 29.72
CA ALA B 154 25.83 -38.73 28.60
C ALA B 154 25.34 -37.65 27.65
N LEU B 155 26.04 -36.50 27.65
CA LEU B 155 25.71 -35.40 26.76
C LEU B 155 25.59 -35.86 25.31
N GLN B 156 24.64 -35.29 24.59
CA GLN B 156 24.40 -35.60 23.20
C GLN B 156 24.81 -34.43 22.32
N SER B 157 25.05 -34.71 21.04
CA SER B 157 25.31 -33.68 20.06
C SER B 157 25.06 -34.26 18.67
N GLY B 158 24.56 -33.41 17.77
CA GLY B 158 24.28 -33.80 16.41
C GLY B 158 22.99 -34.55 16.20
N ASN B 159 22.33 -35.02 17.28
CA ASN B 159 21.10 -35.78 17.16
C ASN B 159 19.91 -35.04 17.75
N SER B 160 19.98 -33.72 17.83
CA SER B 160 18.87 -32.93 18.33
C SER B 160 18.67 -31.72 17.44
N GLN B 161 17.42 -31.23 17.40
CA GLN B 161 17.06 -30.05 16.65
C GLN B 161 16.01 -29.28 17.45
N GLU B 162 16.08 -27.95 17.38
CA GLU B 162 15.17 -27.10 18.14
C GLU B 162 14.69 -25.95 17.27
N SER B 163 13.55 -25.39 17.64
CA SER B 163 13.02 -24.23 16.94
C SER B 163 12.30 -23.36 17.97
N VAL B 164 12.14 -22.09 17.62
CA VAL B 164 11.61 -21.08 18.53
C VAL B 164 10.46 -20.37 17.84
N THR B 165 9.44 -20.02 18.60
CA THR B 165 8.34 -19.24 18.06
C THR B 165 8.76 -17.77 17.92
N GLU B 166 8.03 -17.05 17.09
CA GLU B 166 8.21 -15.61 17.04
C GLU B 166 7.77 -15.01 18.36
N GLN B 167 8.39 -13.89 18.72
CA GLN B 167 8.02 -13.20 19.95
C GLN B 167 6.55 -12.80 19.93
N ASP B 168 5.82 -13.18 20.98
CA ASP B 168 4.38 -12.94 21.02
C ASP B 168 4.09 -11.44 20.99
N SER B 169 3.07 -11.07 20.22
CA SER B 169 2.69 -9.66 20.18
C SER B 169 2.01 -9.21 21.46
N LYS B 170 1.35 -10.14 22.16
CA LYS B 170 0.65 -9.83 23.39
C LYS B 170 1.60 -9.71 24.57
N ASP B 171 2.10 -10.83 25.10
CA ASP B 171 2.92 -10.82 26.30
C ASP B 171 4.42 -10.80 26.02
N SER B 172 4.83 -10.82 24.76
CA SER B 172 6.22 -10.58 24.37
C SER B 172 7.17 -11.64 24.93
N THR B 173 6.72 -12.89 24.99
CA THR B 173 7.56 -13.99 25.43
C THR B 173 7.92 -14.88 24.26
N TYR B 174 8.82 -15.83 24.51
CA TYR B 174 9.25 -16.79 23.52
C TYR B 174 8.93 -18.20 23.99
N SER B 175 8.80 -19.12 23.03
CA SER B 175 8.61 -20.53 23.32
C SER B 175 9.56 -21.35 22.45
N LEU B 176 10.02 -22.48 23.00
CA LEU B 176 11.03 -23.30 22.34
C LEU B 176 10.67 -24.77 22.44
N SER B 177 10.92 -25.51 21.36
CA SER B 177 10.72 -26.95 21.32
C SER B 177 12.00 -27.61 20.82
N SER B 178 12.46 -28.63 21.55
CA SER B 178 13.64 -29.41 21.18
C SER B 178 13.24 -30.87 21.02
N THR B 179 13.66 -31.47 19.91
CA THR B 179 13.34 -32.86 19.60
C THR B 179 14.63 -33.66 19.52
N LEU B 180 14.75 -34.69 20.35
CA LEU B 180 15.88 -35.60 20.33
C LEU B 180 15.47 -36.84 19.52
N THR B 181 16.22 -37.14 18.47
CA THR B 181 15.89 -38.22 17.56
C THR B 181 16.73 -39.44 17.88
N LEU B 182 16.05 -40.56 18.15
CA LEU B 182 16.71 -41.82 18.46
C LEU B 182 16.10 -42.93 17.62
N SER B 183 16.93 -43.90 17.25
CA SER B 183 16.42 -45.14 16.67
C SER B 183 15.83 -46.00 17.78
N LYS B 184 14.87 -46.85 17.42
CA LYS B 184 14.22 -47.67 18.42
C LYS B 184 15.21 -48.57 19.13
N ALA B 185 16.19 -49.12 18.39
CA ALA B 185 17.23 -49.93 19.02
C ALA B 185 18.00 -49.15 20.06
N ASP B 186 18.41 -47.92 19.72
CA ASP B 186 19.15 -47.09 20.67
C ASP B 186 18.29 -46.73 21.87
N TYR B 187 16.99 -46.50 21.64
CA TYR B 187 16.10 -46.10 22.73
C TYR B 187 15.94 -47.20 23.77
N GLU B 188 16.04 -48.47 23.36
CA GLU B 188 15.83 -49.57 24.30
C GLU B 188 17.03 -49.81 25.22
N LYS B 189 18.24 -49.46 24.79
CA LYS B 189 19.41 -49.75 25.63
C LYS B 189 19.47 -48.86 26.88
N HIS B 190 18.93 -47.66 26.82
CA HIS B 190 19.18 -46.70 27.89
C HIS B 190 17.92 -46.49 28.72
N LYS B 191 18.13 -45.93 29.91
CA LYS B 191 17.12 -45.85 30.95
C LYS B 191 16.77 -44.43 31.36
N VAL B 192 17.73 -43.51 31.39
CA VAL B 192 17.52 -42.16 31.88
C VAL B 192 17.49 -41.21 30.67
N TYR B 193 16.42 -40.43 30.59
CA TYR B 193 16.26 -39.40 29.56
C TYR B 193 15.92 -38.08 30.23
N ALA B 194 16.82 -37.10 30.11
CA ALA B 194 16.72 -35.84 30.83
C ALA B 194 16.88 -34.66 29.89
N CYS B 195 16.22 -33.55 30.25
CA CYS B 195 16.29 -32.30 29.51
C CYS B 195 16.86 -31.23 30.44
N GLU B 196 18.06 -30.75 30.14
CA GLU B 196 18.74 -29.74 30.94
C GLU B 196 18.55 -28.37 30.29
N VAL B 197 17.98 -27.43 31.02
CA VAL B 197 17.60 -26.12 30.50
C VAL B 197 18.38 -25.04 31.25
N THR B 198 18.98 -24.13 30.50
CA THR B 198 19.73 -23.01 31.05
C THR B 198 19.12 -21.71 30.54
N HIS B 199 18.75 -20.82 31.45
CA HIS B 199 18.13 -19.56 31.08
C HIS B 199 18.45 -18.51 32.14
N GLN B 200 18.41 -17.24 31.73
CA GLN B 200 18.69 -16.15 32.65
C GLN B 200 17.69 -16.11 33.80
N GLY B 201 16.43 -16.47 33.54
CA GLY B 201 15.41 -16.44 34.57
C GLY B 201 15.48 -17.56 35.59
N LEU B 202 16.36 -18.54 35.38
CA LEU B 202 16.51 -19.66 36.30
C LEU B 202 17.80 -19.48 37.10
N SER B 203 17.68 -19.60 38.42
CA SER B 203 18.85 -19.43 39.28
C SER B 203 19.88 -20.52 39.04
N SER B 204 19.45 -21.73 38.70
CA SER B 204 20.35 -22.82 38.38
C SER B 204 19.68 -23.68 37.31
N PRO B 205 20.46 -24.42 36.52
CA PRO B 205 19.87 -25.22 35.43
C PRO B 205 18.77 -26.17 35.91
N VAL B 206 17.60 -26.05 35.29
CA VAL B 206 16.44 -26.88 35.61
C VAL B 206 16.49 -28.13 34.75
N THR B 207 16.13 -29.27 35.35
CA THR B 207 16.18 -30.57 34.67
C THR B 207 14.84 -31.28 34.86
N LYS B 208 14.21 -31.64 33.75
CA LYS B 208 13.05 -32.52 33.75
C LYS B 208 13.43 -33.83 33.09
N SER B 209 12.98 -34.94 33.64
CA SER B 209 13.40 -36.24 33.12
C SER B 209 12.33 -37.28 33.39
N PHE B 210 12.51 -38.44 32.74
CA PHE B 210 11.69 -39.62 32.98
C PHE B 210 12.55 -40.85 32.72
N ASN B 211 12.03 -42.01 33.14
CA ASN B 211 12.65 -43.29 32.86
C ASN B 211 11.74 -44.11 31.96
N ARG B 212 12.34 -44.79 30.98
CA ARG B 212 11.59 -45.56 30.00
C ARG B 212 10.69 -46.58 30.70
N GLY B 213 9.40 -46.53 30.36
CA GLY B 213 8.37 -47.18 31.14
C GLY B 213 8.06 -46.27 32.31
N GLU B 214 8.21 -46.77 33.54
CA GLU B 214 8.14 -45.93 34.74
C GLU B 214 8.90 -46.58 35.89
N THR C 2 3.37 -47.96 -17.55
CA THR C 2 3.16 -46.63 -18.10
C THR C 2 3.38 -45.55 -17.03
N PRO C 3 3.91 -44.38 -17.43
CA PRO C 3 4.22 -43.33 -16.46
C PRO C 3 2.99 -42.61 -15.92
N ALA C 4 1.79 -43.08 -16.25
CA ALA C 4 0.56 -42.45 -15.82
C ALA C 4 0.13 -42.98 -14.46
N VAL C 5 -0.24 -42.07 -13.56
CA VAL C 5 -0.60 -42.42 -12.20
C VAL C 5 -2.04 -42.00 -11.94
N THR C 6 -2.65 -42.66 -10.97
CA THR C 6 -3.97 -42.30 -10.47
C THR C 6 -3.87 -42.01 -8.96
N THR C 7 -4.83 -41.24 -8.47
CA THR C 7 -4.86 -40.85 -7.06
C THR C 7 -5.76 -41.80 -6.27
N TYR C 8 -5.21 -42.36 -5.19
CA TYR C 8 -5.94 -43.24 -4.30
C TYR C 8 -6.10 -42.58 -2.93
N LYS C 9 -7.24 -42.83 -2.30
CA LYS C 9 -7.56 -42.29 -0.98
C LYS C 9 -7.44 -43.39 0.08
N LEU C 10 -7.02 -42.99 1.27
CA LEU C 10 -7.04 -43.86 2.45
C LEU C 10 -7.93 -43.22 3.49
N VAL C 11 -8.83 -44.01 4.09
CA VAL C 11 -9.68 -43.57 5.19
C VAL C 11 -9.22 -44.26 6.46
N ILE C 12 -9.00 -43.47 7.51
CA ILE C 12 -8.47 -43.98 8.77
C ILE C 12 -9.56 -43.88 9.83
N ASN C 13 -9.95 -45.01 10.39
CA ASN C 13 -10.95 -45.08 11.46
C ASN C 13 -10.30 -45.70 12.68
N GLY C 14 -9.40 -44.95 13.30
CA GLY C 14 -8.71 -45.43 14.48
C GLY C 14 -9.39 -45.02 15.76
N LYS C 15 -8.92 -45.61 16.86
CA LYS C 15 -9.46 -45.24 18.16
C LYS C 15 -9.01 -43.85 18.58
N THR C 16 -7.83 -43.41 18.13
CA THR C 16 -7.35 -42.06 18.40
C THR C 16 -6.99 -41.25 17.15
N LEU C 17 -6.84 -41.89 15.99
CA LEU C 17 -6.49 -41.19 14.76
C LEU C 17 -7.59 -41.42 13.73
N LYS C 18 -8.23 -40.34 13.30
CA LYS C 18 -9.30 -40.40 12.30
C LYS C 18 -9.03 -39.36 11.21
N GLY C 19 -9.28 -39.75 9.98
CA GLY C 19 -9.12 -38.80 8.88
C GLY C 19 -8.89 -39.53 7.58
N GLU C 20 -8.17 -38.85 6.68
CA GLU C 20 -7.92 -39.41 5.35
C GLU C 20 -6.64 -38.81 4.78
N THR C 21 -6.02 -39.55 3.87
CA THR C 21 -4.84 -39.11 3.14
C THR C 21 -4.92 -39.73 1.75
N THR C 22 -4.04 -39.26 0.86
CA THR C 22 -4.05 -39.72 -0.53
C THR C 22 -2.63 -39.98 -1.01
N THR C 23 -2.53 -40.76 -2.08
CA THR C 23 -1.26 -41.05 -2.73
C THR C 23 -1.51 -41.24 -4.21
N LYS C 24 -0.45 -41.02 -5.00
CA LYS C 24 -0.46 -41.26 -6.43
C LYS C 24 0.36 -42.50 -6.72
N ALA C 25 -0.25 -43.49 -7.37
CA ALA C 25 0.44 -44.74 -7.66
C ALA C 25 0.03 -45.24 -9.04
N VAL C 26 0.87 -46.09 -9.61
CA VAL C 26 0.57 -46.69 -10.90
C VAL C 26 -0.68 -47.57 -10.81
N ASP C 27 -0.74 -48.43 -9.80
CA ASP C 27 -1.87 -49.33 -9.62
C ASP C 27 -2.21 -49.43 -8.14
N ALA C 28 -3.33 -50.09 -7.85
CA ALA C 28 -3.79 -50.21 -6.47
C ALA C 28 -2.82 -51.01 -5.61
N GLU C 29 -2.16 -52.02 -6.20
CA GLU C 29 -1.22 -52.82 -5.43
C GLU C 29 -0.07 -51.97 -4.90
N THR C 30 0.42 -51.03 -5.71
CA THR C 30 1.45 -50.12 -5.24
C THR C 30 0.89 -49.16 -4.20
N ALA C 31 -0.37 -48.75 -4.37
CA ALA C 31 -0.97 -47.80 -3.43
C ALA C 31 -1.12 -48.42 -2.04
N GLU C 32 -1.51 -49.69 -1.97
CA GLU C 32 -1.73 -50.33 -0.67
C GLU C 32 -0.45 -50.42 0.13
N LYS C 33 0.67 -50.74 -0.52
CA LYS C 33 1.94 -50.80 0.19
C LYS C 33 2.31 -49.45 0.78
N ALA C 34 2.01 -48.37 0.06
CA ALA C 34 2.24 -47.03 0.61
C ALA C 34 1.30 -46.75 1.78
N PHE C 35 0.04 -47.17 1.65
CA PHE C 35 -0.92 -46.89 2.71
C PHE C 35 -0.64 -47.74 3.95
N LYS C 36 -0.27 -49.01 3.76
CA LYS C 36 0.02 -49.85 4.91
C LYS C 36 1.25 -49.38 5.66
N GLN C 37 2.23 -48.81 4.96
CA GLN C 37 3.35 -48.19 5.66
C GLN C 37 2.89 -46.94 6.40
N TYR C 38 2.03 -46.14 5.78
CA TYR C 38 1.53 -44.94 6.45
C TYR C 38 0.77 -45.29 7.72
N ALA C 39 -0.04 -46.34 7.68
CA ALA C 39 -0.80 -46.75 8.85
C ALA C 39 0.12 -47.29 9.94
N ASN C 40 1.11 -48.11 9.56
CA ASN C 40 2.05 -48.63 10.55
C ASN C 40 2.89 -47.52 11.16
N ASP C 41 3.27 -46.53 10.35
CA ASP C 41 4.01 -45.39 10.89
C ASP C 41 3.19 -44.62 11.92
N ASN C 42 1.86 -44.59 11.76
CA ASN C 42 0.98 -43.93 12.70
C ASN C 42 0.42 -44.88 13.75
N GLY C 43 0.91 -46.11 13.81
CA GLY C 43 0.46 -47.05 14.82
C GLY C 43 -0.98 -47.50 14.70
N VAL C 44 -1.57 -47.38 13.52
CA VAL C 44 -2.95 -47.82 13.29
C VAL C 44 -2.91 -49.26 12.79
N ASP C 45 -3.57 -50.16 13.52
CA ASP C 45 -3.65 -51.57 13.15
C ASP C 45 -5.11 -52.01 13.18
N GLY C 46 -5.65 -52.39 12.03
CA GLY C 46 -7.07 -52.79 11.93
C GLY C 46 -7.38 -53.59 10.68
N VAL C 47 -8.65 -53.54 10.23
CA VAL C 47 -9.13 -54.28 9.03
C VAL C 47 -9.11 -53.35 7.81
N TRP C 48 -8.79 -53.91 6.63
CA TRP C 48 -8.71 -53.15 5.40
C TRP C 48 -9.83 -53.57 4.46
N THR C 49 -10.55 -52.58 3.94
CA THR C 49 -11.53 -52.76 2.88
C THR C 49 -11.16 -51.86 1.73
N TYR C 50 -11.71 -52.16 0.56
CA TYR C 50 -11.39 -51.40 -0.64
C TYR C 50 -12.64 -51.17 -1.47
N ASP C 51 -12.72 -49.99 -2.09
CA ASP C 51 -13.79 -49.64 -3.01
C ASP C 51 -13.13 -49.20 -4.32
N ASP C 52 -13.15 -50.08 -5.32
CA ASP C 52 -12.48 -49.78 -6.58
C ASP C 52 -13.17 -48.65 -7.35
N ALA C 53 -14.47 -48.43 -7.10
CA ALA C 53 -15.16 -47.33 -7.75
C ALA C 53 -14.53 -45.99 -7.40
N THR C 54 -14.33 -45.74 -6.10
CA THR C 54 -13.78 -44.48 -5.62
C THR C 54 -12.29 -44.55 -5.32
N LYS C 55 -11.63 -45.65 -5.66
CA LYS C 55 -10.20 -45.83 -5.41
C LYS C 55 -9.85 -45.50 -3.96
N THR C 56 -10.59 -46.09 -3.03
CA THR C 56 -10.53 -45.71 -1.62
C THR C 56 -10.28 -46.93 -0.75
N PHE C 57 -9.16 -46.93 -0.03
CA PHE C 57 -8.91 -47.89 1.03
C PHE C 57 -9.44 -47.37 2.36
N THR C 58 -9.75 -48.28 3.26
CA THR C 58 -10.19 -47.93 4.61
C THR C 58 -9.56 -48.89 5.60
N VAL C 59 -9.02 -48.36 6.69
CA VAL C 59 -8.51 -49.15 7.80
C VAL C 59 -9.24 -48.74 9.07
N THR C 60 -9.88 -49.71 9.74
CA THR C 60 -10.68 -49.43 10.92
C THR C 60 -10.21 -50.28 12.09
N GLU C 61 -10.16 -49.67 13.27
CA GLU C 61 -9.77 -50.36 14.49
C GLU C 61 -11.01 -50.70 15.33
N GLN D 1 -5.81 -10.66 -9.50
CA GLN D 1 -6.98 -9.96 -8.98
C GLN D 1 -7.84 -9.42 -10.12
N VAL D 2 -8.45 -8.25 -9.91
CA VAL D 2 -9.28 -7.60 -10.91
C VAL D 2 -8.95 -6.11 -10.87
N GLN D 3 -8.58 -5.55 -12.02
CA GLN D 3 -8.12 -4.17 -12.09
C GLN D 3 -8.68 -3.53 -13.34
N LEU D 4 -8.90 -2.22 -13.27
CA LEU D 4 -9.54 -1.47 -14.34
C LEU D 4 -8.61 -0.37 -14.81
N VAL D 5 -8.31 -0.36 -16.11
CA VAL D 5 -7.43 0.62 -16.72
C VAL D 5 -8.27 1.52 -17.61
N GLN D 6 -8.06 2.83 -17.50
CA GLN D 6 -8.84 3.82 -18.24
C GLN D 6 -7.91 4.65 -19.12
N SER D 7 -8.49 5.20 -20.18
CA SER D 7 -7.72 6.03 -21.10
C SER D 7 -7.39 7.37 -20.47
N GLY D 8 -6.44 8.07 -21.09
CA GLY D 8 -5.96 9.33 -20.54
C GLY D 8 -6.95 10.46 -20.69
N ALA D 9 -6.61 11.58 -20.07
CA ALA D 9 -7.47 12.76 -20.08
C ALA D 9 -7.79 13.20 -21.50
N GLU D 10 -8.90 13.93 -21.63
CA GLU D 10 -9.38 14.39 -22.92
C GLU D 10 -9.93 15.80 -22.78
N VAL D 11 -9.75 16.60 -23.83
CA VAL D 11 -10.30 17.95 -23.93
C VAL D 11 -11.14 18.00 -25.20
N ARG D 12 -12.38 18.48 -25.07
CA ARG D 12 -13.32 18.47 -26.19
C ARG D 12 -14.07 19.79 -26.25
N LYS D 13 -14.25 20.29 -27.47
CA LYS D 13 -15.00 21.51 -27.66
C LYS D 13 -16.48 21.29 -27.32
N PRO D 14 -17.17 22.30 -26.83
CA PRO D 14 -18.60 22.15 -26.55
C PRO D 14 -19.35 21.80 -27.83
N GLY D 15 -20.34 20.91 -27.69
CA GLY D 15 -21.09 20.43 -28.82
C GLY D 15 -20.52 19.21 -29.49
N SER D 16 -19.26 18.87 -29.22
CA SER D 16 -18.62 17.69 -29.80
C SER D 16 -18.87 16.49 -28.89
N SER D 17 -18.12 15.41 -29.13
CA SER D 17 -18.31 14.16 -28.39
C SER D 17 -16.95 13.62 -27.93
N VAL D 18 -17.00 12.73 -26.95
CA VAL D 18 -15.80 12.15 -26.35
C VAL D 18 -16.02 10.65 -26.18
N THR D 19 -14.93 9.89 -26.23
CA THR D 19 -14.96 8.45 -26.03
C THR D 19 -13.90 8.06 -25.02
N ILE D 20 -14.32 7.42 -23.94
CA ILE D 20 -13.41 6.90 -22.91
C ILE D 20 -13.31 5.39 -23.12
N SER D 21 -12.15 4.84 -22.77
CA SER D 21 -11.93 3.40 -22.82
C SER D 21 -11.62 2.89 -21.43
N CYS D 22 -12.21 1.74 -21.09
CA CYS D 22 -11.95 1.06 -19.83
C CYS D 22 -11.63 -0.39 -20.14
N LYS D 23 -10.51 -0.88 -19.63
CA LYS D 23 -10.07 -2.24 -19.92
C LYS D 23 -9.94 -3.04 -18.63
N PRO D 24 -10.71 -4.11 -18.42
CA PRO D 24 -10.49 -4.96 -17.26
C PRO D 24 -9.19 -5.74 -17.41
N VAL D 25 -8.49 -5.88 -16.29
CA VAL D 25 -7.27 -6.68 -16.21
C VAL D 25 -7.48 -7.71 -15.12
N GLY D 26 -7.53 -8.98 -15.50
CA GLY D 26 -7.89 -10.04 -14.58
C GLY D 26 -9.38 -10.35 -14.63
N GLY D 27 -9.74 -11.50 -14.07
CA GLY D 27 -11.14 -11.87 -14.06
C GLY D 27 -11.66 -12.15 -15.47
N THR D 28 -12.97 -12.06 -15.59
CA THR D 28 -13.66 -12.33 -16.85
C THR D 28 -14.14 -11.01 -17.47
N PHE D 29 -14.74 -11.14 -18.65
CA PHE D 29 -15.19 -9.99 -19.41
C PHE D 29 -16.70 -9.92 -19.63
N THR D 30 -17.41 -11.05 -19.54
CA THR D 30 -18.83 -11.06 -19.86
C THR D 30 -19.72 -11.46 -18.68
N ASN D 31 -19.18 -11.55 -17.47
CA ASN D 31 -20.00 -11.94 -16.33
C ASN D 31 -20.63 -10.74 -15.64
N PHE D 32 -19.83 -9.71 -15.31
CA PHE D 32 -20.27 -8.61 -14.47
C PHE D 32 -20.39 -7.33 -15.28
N ALA D 33 -21.40 -6.53 -14.95
CA ALA D 33 -21.65 -5.29 -15.67
C ALA D 33 -20.62 -4.23 -15.28
N ILE D 34 -20.26 -3.40 -16.27
CA ILE D 34 -19.42 -2.23 -16.05
C ILE D 34 -20.33 -1.03 -15.87
N HIS D 35 -20.27 -0.40 -14.70
CA HIS D 35 -21.08 0.77 -14.39
C HIS D 35 -20.18 2.00 -14.40
N TRP D 36 -20.62 3.03 -15.12
CA TRP D 36 -19.86 4.28 -15.22
C TRP D 36 -20.42 5.30 -14.25
N VAL D 37 -19.55 5.86 -13.42
CA VAL D 37 -19.90 6.90 -12.47
C VAL D 37 -19.00 8.10 -12.74
N ARG D 38 -19.60 9.29 -12.75
CA ARG D 38 -18.86 10.52 -12.99
C ARG D 38 -19.04 11.48 -11.82
N GLN D 39 -18.10 12.40 -11.70
CA GLN D 39 -18.16 13.43 -10.65
C GLN D 39 -17.77 14.76 -11.25
N ALA D 40 -18.69 15.71 -11.25
CA ALA D 40 -18.36 17.07 -11.65
C ALA D 40 -17.58 17.75 -10.54
N PRO D 41 -16.68 18.69 -10.90
CA PRO D 41 -15.85 19.35 -9.88
C PRO D 41 -16.65 19.94 -8.74
N GLY D 42 -16.37 19.50 -7.51
CA GLY D 42 -17.09 19.95 -6.35
C GLY D 42 -18.55 19.56 -6.29
N GLN D 43 -18.91 18.39 -6.83
CA GLN D 43 -20.29 17.89 -6.77
C GLN D 43 -20.27 16.42 -6.45
N GLY D 44 -21.47 15.86 -6.23
CA GLY D 44 -21.60 14.49 -5.80
C GLY D 44 -21.46 13.48 -6.94
N LEU D 45 -21.38 12.21 -6.54
CA LEU D 45 -21.29 11.11 -7.49
C LEU D 45 -22.59 10.98 -8.28
N GLU D 46 -22.45 10.72 -9.58
CA GLU D 46 -23.59 10.58 -10.46
C GLU D 46 -23.43 9.31 -11.29
N TRP D 47 -24.49 8.52 -11.38
CA TRP D 47 -24.48 7.29 -12.17
C TRP D 47 -24.82 7.62 -13.62
N VAL D 48 -23.96 7.21 -14.52
CA VAL D 48 -24.16 7.50 -15.94
C VAL D 48 -24.89 6.36 -16.65
N GLY D 49 -24.45 5.13 -16.42
CA GLY D 49 -25.06 3.98 -17.04
C GLY D 49 -24.27 2.73 -16.71
N GLY D 50 -24.84 1.60 -17.11
CA GLY D 50 -24.20 0.32 -16.89
C GLY D 50 -24.51 -0.66 -18.00
N ARG D 51 -23.53 -1.49 -18.37
CA ARG D 51 -23.72 -2.44 -19.46
C ARG D 51 -22.92 -3.69 -19.21
N VAL D 52 -23.57 -4.85 -19.32
CA VAL D 52 -22.88 -6.14 -19.37
C VAL D 52 -22.29 -6.29 -20.77
N PRO D 53 -20.98 -6.46 -20.90
CA PRO D 53 -20.39 -6.60 -22.24
C PRO D 53 -20.94 -7.84 -22.96
N VAL D 54 -21.12 -7.69 -24.28
CA VAL D 54 -21.51 -8.75 -25.21
C VAL D 54 -22.96 -9.17 -25.00
N VAL D 55 -23.35 -9.47 -23.76
CA VAL D 55 -24.69 -9.97 -23.50
C VAL D 55 -25.75 -8.96 -23.93
N GLY D 56 -25.49 -7.68 -23.68
CA GLY D 56 -26.40 -6.64 -24.10
C GLY D 56 -27.31 -6.09 -23.03
N ILE D 57 -27.16 -6.52 -21.78
CA ILE D 57 -27.92 -5.94 -20.68
C ILE D 57 -27.35 -4.56 -20.37
N TYR D 58 -28.18 -3.52 -20.48
CA TYR D 58 -27.68 -2.16 -20.30
C TYR D 58 -28.81 -1.24 -19.89
N LYS D 59 -28.45 -0.17 -19.19
CA LYS D 59 -29.36 0.91 -18.85
C LYS D 59 -28.60 2.22 -18.88
N TYR D 60 -29.27 3.27 -19.34
CA TYR D 60 -28.71 4.61 -19.37
C TYR D 60 -29.44 5.50 -18.37
N GLY D 61 -28.71 6.46 -17.79
CA GLY D 61 -29.34 7.44 -16.94
C GLY D 61 -30.29 8.33 -17.72
N LYS D 62 -31.41 8.68 -17.09
CA LYS D 62 -32.43 9.48 -17.74
C LYS D 62 -31.86 10.78 -18.30
N LYS D 63 -30.95 11.40 -17.55
CA LYS D 63 -30.34 12.67 -17.94
C LYS D 63 -29.49 12.53 -19.20
N PHE D 64 -29.02 11.33 -19.51
CA PHE D 64 -28.07 11.10 -20.60
C PHE D 64 -28.71 10.47 -21.84
N HIS D 65 -30.04 10.34 -21.86
CA HIS D 65 -30.74 9.81 -23.02
C HIS D 65 -30.42 10.61 -24.28
N ASP D 66 -30.31 9.90 -25.41
CA ASP D 66 -29.98 10.47 -26.72
C ASP D 66 -28.54 10.97 -26.82
N ARG D 67 -27.85 11.03 -25.68
CA ARG D 67 -26.49 11.53 -25.64
C ARG D 67 -25.45 10.46 -25.33
N LEU D 68 -25.86 9.30 -24.83
CA LEU D 68 -24.93 8.30 -24.32
C LEU D 68 -24.99 7.03 -25.17
N ARG D 69 -23.83 6.42 -25.39
CA ARG D 69 -23.73 5.10 -26.01
C ARG D 69 -22.65 4.30 -25.29
N LEU D 70 -23.01 3.08 -24.88
CA LEU D 70 -22.06 2.16 -24.26
C LEU D 70 -21.91 0.93 -25.16
N TYR D 71 -20.66 0.59 -25.47
CA TYR D 71 -20.37 -0.55 -26.33
C TYR D 71 -19.02 -1.13 -25.92
N GLU D 72 -18.66 -2.25 -26.56
CA GLU D 72 -17.44 -2.95 -26.21
C GLU D 72 -16.73 -3.41 -27.47
N ASP D 73 -15.49 -3.86 -27.30
CA ASP D 73 -14.71 -4.48 -28.36
C ASP D 73 -14.30 -5.87 -27.87
N ASP D 74 -15.00 -6.90 -28.36
CA ASP D 74 -14.72 -8.26 -27.92
C ASP D 74 -13.29 -8.72 -28.19
N PRO D 75 -12.69 -8.45 -29.37
CA PRO D 75 -11.28 -8.85 -29.55
C PRO D 75 -10.33 -8.22 -28.55
N MET D 76 -10.43 -6.91 -28.33
CA MET D 76 -9.52 -6.21 -27.43
C MET D 76 -9.95 -6.27 -25.96
N LYS D 77 -11.12 -6.84 -25.67
CA LYS D 77 -11.64 -6.93 -24.31
C LYS D 77 -11.63 -5.55 -23.63
N THR D 78 -12.24 -4.59 -24.31
CA THR D 78 -12.26 -3.19 -23.87
C THR D 78 -13.66 -2.64 -24.00
N VAL D 79 -14.12 -1.96 -22.96
CA VAL D 79 -15.43 -1.31 -22.97
C VAL D 79 -15.24 0.18 -23.18
N PHE D 80 -16.24 0.82 -23.79
CA PHE D 80 -16.15 2.22 -24.18
C PHE D 80 -17.37 2.99 -23.71
N LEU D 81 -17.17 4.27 -23.42
CA LEU D 81 -18.25 5.20 -23.14
C LEU D 81 -18.17 6.35 -24.13
N GLU D 82 -19.30 6.67 -24.75
CA GLU D 82 -19.39 7.78 -25.69
C GLU D 82 -20.48 8.73 -25.24
N LEU D 83 -20.11 9.98 -24.98
CA LEU D 83 -21.04 11.03 -24.61
C LEU D 83 -20.99 12.13 -25.66
N ARG D 84 -22.16 12.52 -26.15
CA ARG D 84 -22.31 13.47 -27.24
C ARG D 84 -22.88 14.79 -26.74
N SER D 85 -22.86 15.79 -27.64
CA SER D 85 -23.45 17.10 -27.37
C SER D 85 -22.97 17.65 -26.03
N LEU D 86 -21.65 17.72 -25.88
CA LEU D 86 -21.05 18.06 -24.60
C LEU D 86 -21.32 19.51 -24.22
N THR D 87 -21.54 19.75 -22.93
CA THR D 87 -21.68 21.08 -22.37
C THR D 87 -20.75 21.20 -21.17
N SER D 88 -20.77 22.37 -20.53
CA SER D 88 -19.90 22.58 -19.37
C SER D 88 -20.29 21.68 -18.21
N ASP D 89 -21.56 21.28 -18.13
CA ASP D 89 -22.02 20.39 -17.07
C ASP D 89 -21.50 18.96 -17.24
N ASP D 90 -20.89 18.65 -18.39
CA ASP D 90 -20.32 17.33 -18.62
C ASP D 90 -18.84 17.27 -18.27
N THR D 91 -18.25 18.39 -17.85
CA THR D 91 -16.87 18.40 -17.41
C THR D 91 -16.74 17.68 -16.07
N GLY D 92 -15.81 16.73 -15.99
CA GLY D 92 -15.59 16.03 -14.74
C GLY D 92 -14.71 14.82 -14.93
N VAL D 93 -14.62 14.01 -13.87
CA VAL D 93 -13.88 12.77 -13.87
C VAL D 93 -14.86 11.62 -14.04
N TYR D 94 -14.54 10.69 -14.95
CA TYR D 94 -15.41 9.57 -15.30
C TYR D 94 -14.76 8.27 -14.87
N TYR D 95 -15.45 7.52 -14.00
CA TYR D 95 -14.96 6.25 -13.50
C TYR D 95 -15.77 5.09 -14.07
N CYS D 96 -15.08 4.04 -14.48
CA CYS D 96 -15.72 2.76 -14.76
C CYS D 96 -15.57 1.86 -13.54
N THR D 97 -16.67 1.22 -13.15
CA THR D 97 -16.71 0.41 -11.94
C THR D 97 -17.37 -0.94 -12.23
N ARG D 98 -17.02 -1.93 -11.42
CA ARG D 98 -17.71 -3.21 -11.42
C ARG D 98 -17.59 -3.86 -10.06
N TRP D 99 -18.38 -4.90 -9.86
CA TRP D 99 -18.32 -5.73 -8.67
C TRP D 99 -17.30 -6.83 -8.88
N ARG D 100 -16.47 -7.09 -7.86
CA ARG D 100 -15.46 -8.12 -8.02
C ARG D 100 -16.10 -9.51 -8.14
N GLY D 101 -17.10 -9.79 -7.29
CA GLY D 101 -17.80 -11.07 -7.33
C GLY D 101 -16.85 -12.23 -7.17
N CYS D 102 -16.96 -13.20 -8.08
CA CYS D 102 -16.04 -14.32 -8.12
C CYS D 102 -14.72 -13.96 -8.79
N GLY D 103 -14.58 -12.72 -9.27
CA GLY D 103 -13.36 -12.30 -9.92
C GLY D 103 -13.08 -13.12 -11.16
N MET D 104 -12.13 -14.03 -11.06
CA MET D 104 -11.76 -14.93 -12.15
C MET D 104 -12.73 -16.11 -12.17
N CYS D 105 -14.00 -15.79 -12.46
CA CYS D 105 -15.06 -16.78 -12.41
C CYS D 105 -14.80 -17.89 -13.43
N PRO D 106 -14.75 -19.13 -12.96
CA PRO D 106 -14.42 -20.27 -13.78
C PRO D 106 -15.70 -21.03 -14.14
N TYR D 107 -15.98 -21.14 -15.44
CA TYR D 107 -17.14 -21.88 -15.94
C TYR D 107 -18.45 -21.31 -15.40
N ASP D 108 -18.53 -19.98 -15.27
CA ASP D 108 -19.73 -19.38 -14.67
C ASP D 108 -20.83 -19.17 -15.71
N THR D 109 -20.50 -18.49 -16.83
CA THR D 109 -21.44 -18.24 -17.92
C THR D 109 -22.71 -17.51 -17.45
N SER D 110 -22.62 -16.71 -16.40
CA SER D 110 -23.76 -15.99 -15.86
C SER D 110 -23.51 -14.49 -15.89
N SER D 111 -24.60 -13.72 -15.91
CA SER D 111 -24.53 -12.27 -16.01
C SER D 111 -25.11 -11.64 -14.75
N TYR D 112 -24.37 -10.69 -14.17
CA TYR D 112 -24.78 -9.99 -12.96
C TYR D 112 -24.77 -8.49 -13.24
N TYR D 113 -25.90 -7.83 -13.00
CA TYR D 113 -26.04 -6.40 -13.25
C TYR D 113 -26.20 -5.58 -11.99
N ASN D 114 -27.09 -5.99 -11.07
CA ASN D 114 -27.41 -5.21 -9.88
C ASN D 114 -26.40 -5.57 -8.80
N ASP D 115 -25.31 -4.82 -8.76
CA ASP D 115 -24.26 -5.04 -7.78
C ASP D 115 -23.65 -3.70 -7.36
N ALA D 116 -23.10 -3.68 -6.15
CA ALA D 116 -22.27 -2.56 -5.72
C ALA D 116 -20.95 -2.60 -6.48
N SER D 117 -20.17 -1.54 -6.31
CA SER D 117 -18.91 -1.38 -7.03
C SER D 117 -17.76 -1.32 -6.05
N ASP D 118 -16.98 -2.40 -5.95
CA ASP D 118 -15.79 -2.41 -5.14
C ASP D 118 -14.52 -2.34 -5.96
N VAL D 119 -14.64 -2.29 -7.28
CA VAL D 119 -13.50 -2.10 -8.17
C VAL D 119 -13.73 -0.82 -8.95
N TRP D 120 -12.80 0.13 -8.83
CA TRP D 120 -12.90 1.42 -9.49
C TRP D 120 -11.65 1.65 -10.34
N GLY D 121 -11.84 2.24 -11.51
CA GLY D 121 -10.72 2.68 -12.30
C GLY D 121 -10.11 3.95 -11.75
N PRO D 122 -8.95 4.32 -12.30
CA PRO D 122 -8.30 5.55 -11.84
C PRO D 122 -9.12 6.79 -12.09
N GLY D 123 -9.98 6.78 -13.10
CA GLY D 123 -10.74 7.94 -13.49
C GLY D 123 -10.17 8.58 -14.74
N THR D 124 -11.04 9.11 -15.60
CA THR D 124 -10.61 9.80 -16.80
C THR D 124 -11.12 11.23 -16.73
N LYS D 125 -10.21 12.19 -16.80
CA LYS D 125 -10.57 13.61 -16.75
C LYS D 125 -11.07 14.04 -18.12
N VAL D 126 -12.28 14.58 -18.18
CA VAL D 126 -12.86 15.08 -19.41
C VAL D 126 -13.15 16.56 -19.23
N ILE D 127 -12.47 17.40 -20.00
CA ILE D 127 -12.59 18.86 -19.91
C ILE D 127 -13.32 19.36 -21.15
N VAL D 128 -14.47 20.01 -20.95
CA VAL D 128 -15.25 20.58 -22.03
C VAL D 128 -14.87 22.05 -22.12
N SER D 129 -14.06 22.38 -23.12
CA SER D 129 -13.56 23.75 -23.28
C SER D 129 -13.14 23.95 -24.73
N ALA D 130 -13.46 25.11 -25.28
CA ALA D 130 -13.08 25.46 -26.64
C ALA D 130 -11.70 26.12 -26.71
N ALA D 131 -10.86 25.91 -25.70
CA ALA D 131 -9.63 26.65 -25.54
C ALA D 131 -8.41 25.83 -25.95
N SER D 132 -7.38 26.53 -26.40
CA SER D 132 -6.08 25.95 -26.67
C SER D 132 -5.13 26.24 -25.51
N THR D 133 -3.95 25.62 -25.56
CA THR D 133 -2.95 25.83 -24.52
C THR D 133 -2.61 27.32 -24.42
N LYS D 134 -2.72 27.87 -23.22
CA LYS D 134 -2.53 29.30 -23.01
C LYS D 134 -1.98 29.56 -21.62
N GLY D 135 -0.90 30.33 -21.55
CA GLY D 135 -0.28 30.70 -20.29
C GLY D 135 -1.10 31.73 -19.54
N PRO D 136 -0.89 31.81 -18.24
CA PRO D 136 -1.73 32.69 -17.41
C PRO D 136 -1.24 34.12 -17.40
N SER D 137 -2.18 35.03 -17.16
CA SER D 137 -1.87 36.41 -16.83
C SER D 137 -2.05 36.60 -15.33
N VAL D 138 -1.12 37.32 -14.72
CA VAL D 138 -1.03 37.42 -13.26
C VAL D 138 -1.33 38.84 -12.84
N PHE D 139 -2.39 39.02 -12.05
CA PHE D 139 -2.83 40.30 -11.53
C PHE D 139 -2.66 40.35 -10.02
N PRO D 140 -2.26 41.49 -9.46
CA PRO D 140 -2.09 41.58 -8.01
C PRO D 140 -3.43 41.80 -7.29
N LEU D 141 -3.44 41.43 -6.03
CA LEU D 141 -4.54 41.71 -5.10
C LEU D 141 -3.94 42.58 -4.00
N ALA D 142 -4.11 43.90 -4.10
CA ALA D 142 -3.35 44.85 -3.29
C ALA D 142 -3.98 45.00 -1.90
N PRO D 143 -3.17 44.96 -0.84
CA PRO D 143 -3.72 45.06 0.52
C PRO D 143 -3.87 46.49 1.01
N SER D 144 -5.05 46.83 1.52
CA SER D 144 -5.26 48.12 2.18
C SER D 144 -6.43 48.00 3.14
N SER D 145 -6.19 48.32 4.41
CA SER D 145 -7.25 48.30 5.41
C SER D 145 -7.51 49.71 5.94
N GLY D 150 -7.62 44.48 11.91
CA GLY D 150 -7.13 44.24 13.26
C GLY D 150 -5.74 43.63 13.29
N GLY D 151 -4.77 44.38 12.81
CA GLY D 151 -3.39 43.95 12.80
C GLY D 151 -3.05 42.86 11.79
N THR D 152 -4.01 42.40 11.00
CA THR D 152 -3.78 41.42 9.95
C THR D 152 -4.28 41.97 8.63
N ALA D 153 -3.47 41.87 7.59
CA ALA D 153 -3.85 42.26 6.24
C ALA D 153 -3.72 41.06 5.32
N ALA D 154 -4.31 41.17 4.14
CA ALA D 154 -4.28 40.10 3.15
C ALA D 154 -3.91 40.66 1.79
N LEU D 155 -3.04 39.95 1.09
CA LEU D 155 -2.69 40.26 -0.29
C LEU D 155 -2.60 38.95 -1.05
N GLY D 156 -2.55 39.03 -2.38
CA GLY D 156 -2.50 37.82 -3.15
C GLY D 156 -2.28 38.06 -4.63
N CYS D 157 -2.38 36.97 -5.38
CA CYS D 157 -2.25 36.97 -6.83
C CYS D 157 -3.47 36.29 -7.43
N LEU D 158 -4.02 36.89 -8.49
CA LEU D 158 -5.10 36.31 -9.25
C LEU D 158 -4.52 35.78 -10.56
N VAL D 159 -4.45 34.46 -10.67
CA VAL D 159 -3.84 33.79 -11.81
C VAL D 159 -4.96 33.43 -12.78
N LYS D 160 -5.06 34.16 -13.89
CA LYS D 160 -6.28 34.18 -14.68
C LYS D 160 -6.01 33.77 -16.12
N ASP D 161 -7.00 33.10 -16.72
CA ASP D 161 -7.05 32.81 -18.15
C ASP D 161 -5.87 31.95 -18.60
N TYR D 162 -5.82 30.73 -18.09
CA TYR D 162 -4.83 29.75 -18.53
C TYR D 162 -5.52 28.43 -18.85
N PHE D 163 -4.82 27.60 -19.64
CA PHE D 163 -5.32 26.29 -20.03
C PHE D 163 -4.16 25.44 -20.52
N PRO D 164 -4.08 24.17 -20.10
CA PRO D 164 -4.99 23.58 -19.12
C PRO D 164 -4.46 23.64 -17.70
N GLU D 165 -5.08 22.87 -16.82
CA GLU D 165 -4.56 22.68 -15.47
C GLU D 165 -3.23 21.92 -15.56
N PRO D 166 -2.33 22.07 -14.56
CA PRO D 166 -2.35 22.87 -13.34
C PRO D 166 -1.42 24.07 -13.33
N VAL D 167 -1.66 24.97 -12.38
CA VAL D 167 -0.76 26.08 -12.09
C VAL D 167 -0.18 25.88 -10.70
N THR D 168 1.08 26.25 -10.53
CA THR D 168 1.75 26.20 -9.23
C THR D 168 2.06 27.62 -8.79
N VAL D 169 1.69 27.95 -7.56
CA VAL D 169 1.93 29.27 -6.98
C VAL D 169 2.71 29.12 -5.69
N SER D 170 3.79 29.89 -5.56
CA SER D 170 4.54 30.00 -4.33
C SER D 170 4.80 31.48 -4.06
N TRP D 171 5.30 31.78 -2.86
CA TRP D 171 5.56 33.16 -2.46
C TRP D 171 7.00 33.30 -1.98
N ASN D 172 7.70 34.30 -2.52
CA ASN D 172 9.10 34.55 -2.18
C ASN D 172 9.94 33.29 -2.38
N SER D 173 9.81 32.70 -3.57
CA SER D 173 10.48 31.46 -3.96
C SER D 173 10.12 30.29 -3.04
N GLY D 174 9.03 30.39 -2.30
CA GLY D 174 8.68 29.37 -1.34
C GLY D 174 9.16 29.64 0.08
N ALA D 175 9.84 30.76 0.33
CA ALA D 175 10.29 31.08 1.68
C ALA D 175 9.14 31.54 2.57
N LEU D 176 8.08 32.07 1.97
CA LEU D 176 6.88 32.50 2.70
C LEU D 176 5.83 31.42 2.54
N THR D 177 5.47 30.76 3.65
CA THR D 177 4.49 29.69 3.62
C THR D 177 3.40 29.90 4.68
N SER D 178 3.75 30.59 5.76
CA SER D 178 2.77 30.84 6.82
C SER D 178 1.66 31.73 6.30
N GLY D 179 0.42 31.30 6.51
CA GLY D 179 -0.73 32.09 6.12
C GLY D 179 -1.03 32.11 4.64
N VAL D 180 -0.54 31.14 3.87
CA VAL D 180 -0.72 31.09 2.42
C VAL D 180 -1.88 30.17 2.10
N HIS D 181 -2.84 30.66 1.31
CA HIS D 181 -3.95 29.86 0.82
C HIS D 181 -4.00 29.95 -0.69
N THR D 182 -3.76 28.82 -1.36
CA THR D 182 -3.95 28.70 -2.81
C THR D 182 -5.27 27.97 -3.04
N PHE D 183 -6.23 28.68 -3.63
CA PHE D 183 -7.56 28.12 -3.85
C PHE D 183 -7.57 27.21 -5.07
N PRO D 184 -8.49 26.25 -5.12
CA PRO D 184 -8.65 25.45 -6.33
C PRO D 184 -9.06 26.30 -7.52
N ALA D 185 -8.55 25.96 -8.69
CA ALA D 185 -8.92 26.69 -9.90
C ALA D 185 -10.37 26.39 -10.29
N VAL D 186 -11.08 27.41 -10.72
CA VAL D 186 -12.43 27.28 -11.24
C VAL D 186 -12.36 27.45 -12.75
N LEU D 187 -13.19 26.68 -13.46
CA LEU D 187 -13.28 26.78 -14.91
C LEU D 187 -14.42 27.75 -15.24
N GLN D 188 -14.08 28.91 -15.77
CA GLN D 188 -15.09 29.93 -16.06
C GLN D 188 -15.67 29.69 -17.44
N SER D 189 -16.75 30.44 -17.74
CA SER D 189 -17.53 30.20 -18.95
C SER D 189 -16.72 30.37 -20.23
N SER D 190 -15.61 31.10 -20.18
CA SER D 190 -14.77 31.27 -21.37
C SER D 190 -14.02 30.00 -21.73
N GLY D 191 -14.02 28.98 -20.87
CA GLY D 191 -13.24 27.78 -21.11
C GLY D 191 -11.84 27.82 -20.55
N LEU D 192 -11.47 28.89 -19.84
CA LEU D 192 -10.15 29.03 -19.26
C LEU D 192 -10.23 28.91 -17.75
N TYR D 193 -9.12 28.52 -17.14
CA TYR D 193 -9.08 28.36 -15.70
C TYR D 193 -8.65 29.66 -15.02
N SER D 194 -9.00 29.78 -13.75
CA SER D 194 -8.69 30.97 -12.97
C SER D 194 -8.65 30.58 -11.51
N LEU D 195 -7.57 30.98 -10.83
CA LEU D 195 -7.49 30.78 -9.39
C LEU D 195 -6.79 31.97 -8.76
N SER D 196 -6.91 32.05 -7.45
CA SER D 196 -6.24 33.08 -6.67
C SER D 196 -5.45 32.40 -5.57
N SER D 197 -4.34 33.04 -5.20
CA SER D 197 -3.56 32.62 -4.05
C SER D 197 -3.35 33.84 -3.17
N VAL D 198 -3.58 33.68 -1.87
CA VAL D 198 -3.57 34.80 -0.94
C VAL D 198 -2.69 34.44 0.24
N VAL D 199 -2.26 35.49 0.96
CA VAL D 199 -1.46 35.32 2.15
C VAL D 199 -1.84 36.41 3.13
N THR D 200 -1.96 36.05 4.41
CA THR D 200 -2.27 37.00 5.46
C THR D 200 -0.98 37.42 6.17
N VAL D 201 -0.80 38.72 6.34
CA VAL D 201 0.41 39.28 6.93
C VAL D 201 0.03 40.36 7.91
N PRO D 202 0.95 40.75 8.79
CA PRO D 202 0.68 41.90 9.68
C PRO D 202 0.54 43.18 8.87
N SER D 203 -0.50 43.97 9.19
CA SER D 203 -0.72 45.23 8.50
C SER D 203 0.48 46.17 8.63
N SER D 204 1.29 45.98 9.67
CA SER D 204 2.51 46.76 9.82
C SER D 204 3.55 46.41 8.76
N SER D 205 3.55 45.17 8.28
CA SER D 205 4.56 44.68 7.35
C SER D 205 4.39 45.20 5.93
N LEU D 206 3.32 45.95 5.64
CA LEU D 206 3.05 46.33 4.25
C LEU D 206 4.09 47.31 3.71
N GLY D 207 4.47 48.32 4.49
CA GLY D 207 5.43 49.30 4.01
C GLY D 207 6.85 48.79 3.84
N THR D 208 7.20 47.71 4.54
CA THR D 208 8.57 47.21 4.56
C THR D 208 8.74 45.99 3.66
N GLN D 209 8.06 44.90 3.98
CA GLN D 209 8.34 43.61 3.36
C GLN D 209 7.91 43.60 1.90
N THR D 210 8.65 42.84 1.09
CA THR D 210 8.34 42.61 -0.31
C THR D 210 7.62 41.28 -0.48
N TYR D 211 6.58 41.27 -1.32
CA TYR D 211 5.78 40.08 -1.55
C TYR D 211 5.72 39.78 -3.04
N ILE D 212 6.33 38.68 -3.45
CA ILE D 212 6.38 38.26 -4.85
C ILE D 212 5.78 36.86 -4.94
N CYS D 213 4.81 36.69 -5.82
CA CYS D 213 4.21 35.38 -6.04
C CYS D 213 4.80 34.77 -7.30
N ASN D 214 5.15 33.49 -7.22
CA ASN D 214 5.79 32.77 -8.31
C ASN D 214 4.76 31.85 -8.95
N VAL D 215 4.49 32.05 -10.23
CA VAL D 215 3.46 31.31 -10.95
C VAL D 215 4.14 30.41 -11.97
N ASN D 216 3.82 29.12 -11.93
CA ASN D 216 4.39 28.12 -12.83
C ASN D 216 3.26 27.43 -13.59
N HIS D 217 3.37 27.41 -14.91
CA HIS D 217 2.42 26.70 -15.77
C HIS D 217 3.23 25.91 -16.80
N LYS D 218 3.41 24.62 -16.53
CA LYS D 218 4.23 23.74 -17.35
C LYS D 218 3.67 23.51 -18.76
N PRO D 219 2.34 23.32 -18.93
CA PRO D 219 1.83 23.16 -20.30
C PRO D 219 2.16 24.32 -21.23
N SER D 220 2.47 25.48 -20.68
CA SER D 220 2.83 26.66 -21.46
C SER D 220 4.28 27.07 -21.29
N ASN D 221 5.03 26.42 -20.41
CA ASN D 221 6.40 26.81 -20.07
C ASN D 221 6.43 28.25 -19.58
N THR D 222 5.49 28.58 -18.69
CA THR D 222 5.37 29.91 -18.11
C THR D 222 5.97 29.88 -16.71
N LYS D 223 6.97 30.72 -16.49
CA LYS D 223 7.56 30.96 -15.18
C LYS D 223 7.59 32.46 -14.98
N VAL D 224 6.83 32.95 -14.00
CA VAL D 224 6.55 34.38 -13.89
C VAL D 224 6.58 34.80 -12.43
N ASP D 225 7.20 35.95 -12.17
CA ASP D 225 7.24 36.57 -10.85
C ASP D 225 6.49 37.89 -10.88
N LYS D 226 5.56 38.07 -9.93
CA LYS D 226 4.77 39.28 -9.81
C LYS D 226 5.02 39.89 -8.45
N LYS D 227 5.37 41.18 -8.43
CA LYS D 227 5.50 41.91 -7.17
C LYS D 227 4.14 42.50 -6.81
N VAL D 228 3.69 42.26 -5.59
CA VAL D 228 2.39 42.72 -5.11
C VAL D 228 2.64 43.91 -4.19
N GLU D 229 2.26 45.08 -4.64
CA GLU D 229 2.50 46.30 -3.89
C GLU D 229 1.18 46.91 -3.44
N PRO D 230 1.13 47.50 -2.24
CA PRO D 230 -0.10 48.21 -1.85
C PRO D 230 -0.25 49.45 -2.71
N LYS D 231 -1.47 49.75 -3.08
CA LYS D 231 -1.74 50.89 -3.96
C LYS D 231 -2.23 52.08 -3.14
N SER D 232 -1.70 53.26 -3.44
CA SER D 232 -2.10 54.50 -2.77
C SER D 232 -3.23 55.21 -3.50
N GLU E 1 -36.12 6.93 -11.08
CA GLU E 1 -37.35 7.03 -10.32
C GLU E 1 -37.12 7.32 -8.84
N ILE E 2 -36.03 6.81 -8.30
CA ILE E 2 -35.75 6.87 -6.87
C ILE E 2 -34.69 7.93 -6.61
N VAL E 3 -34.99 8.81 -5.65
CA VAL E 3 -34.12 9.91 -5.27
C VAL E 3 -33.59 9.63 -3.88
N LEU E 4 -32.28 9.80 -3.69
CA LEU E 4 -31.63 9.59 -2.40
C LEU E 4 -31.25 10.94 -1.82
N THR E 5 -31.56 11.13 -0.54
CA THR E 5 -31.18 12.34 0.18
C THR E 5 -30.42 11.97 1.44
N GLN E 6 -29.37 12.72 1.74
CA GLN E 6 -28.54 12.49 2.91
C GLN E 6 -28.58 13.70 3.83
N SER E 7 -28.43 13.43 5.13
CA SER E 7 -28.34 14.48 6.12
C SER E 7 -27.37 14.03 7.20
N PRO E 8 -26.56 14.95 7.74
CA PRO E 8 -26.52 16.37 7.37
C PRO E 8 -25.64 16.65 6.16
N VAL E 9 -25.51 17.92 5.79
CA VAL E 9 -24.58 18.28 4.72
C VAL E 9 -23.15 18.06 5.19
N THR E 10 -22.83 18.53 6.40
CA THR E 10 -21.53 18.32 7.02
C THR E 10 -21.73 17.82 8.44
N LEU E 11 -20.89 16.86 8.84
CA LEU E 11 -20.92 16.29 10.17
C LEU E 11 -19.54 16.44 10.79
N SER E 12 -19.47 17.04 11.97
CA SER E 12 -18.20 17.36 12.62
C SER E 12 -17.93 16.39 13.76
N LEU E 13 -16.79 15.72 13.71
CA LEU E 13 -16.42 14.70 14.67
C LEU E 13 -14.98 14.92 15.13
N SER E 14 -14.73 14.72 16.42
CA SER E 14 -13.37 14.66 16.91
C SER E 14 -12.88 13.21 16.86
N SER E 15 -11.60 12.99 17.18
CA SER E 15 -11.07 11.65 17.25
C SER E 15 -11.74 10.89 18.39
N GLY E 16 -12.26 9.70 18.09
CA GLY E 16 -12.97 8.89 19.05
C GLY E 16 -14.45 9.16 19.17
N GLU E 17 -14.95 10.23 18.57
CA GLU E 17 -16.37 10.52 18.61
C GLU E 17 -17.12 9.55 17.71
N THR E 18 -18.41 9.38 17.97
CA THR E 18 -19.26 8.51 17.17
C THR E 18 -20.32 9.35 16.47
N GLY E 19 -20.42 9.19 15.16
CA GLY E 19 -21.38 9.93 14.37
C GLY E 19 -22.23 9.00 13.52
N THR E 20 -23.40 9.50 13.14
CA THR E 20 -24.36 8.73 12.37
C THR E 20 -24.78 9.53 11.14
N LEU E 21 -24.61 8.95 9.96
CA LEU E 21 -25.02 9.55 8.71
C LEU E 21 -26.30 8.90 8.22
N SER E 22 -27.24 9.70 7.74
CA SER E 22 -28.57 9.24 7.36
C SER E 22 -28.77 9.30 5.84
N CYS E 23 -29.40 8.26 5.29
CA CYS E 23 -29.79 8.20 3.88
C CYS E 23 -31.29 7.98 3.82
N ARG E 24 -32.00 8.89 3.16
CA ARG E 24 -33.46 8.85 3.06
C ARG E 24 -33.86 8.56 1.61
N ALA E 25 -34.62 7.48 1.42
CA ALA E 25 -35.05 7.06 0.09
C ALA E 25 -36.44 7.61 -0.24
N SER E 26 -36.71 7.71 -1.55
CA SER E 26 -37.98 8.25 -2.00
C SER E 26 -39.15 7.32 -1.72
N GLN E 27 -38.92 6.01 -1.77
CA GLN E 27 -39.98 5.04 -1.53
C GLN E 27 -39.42 3.88 -0.71
N ASN E 28 -40.32 3.02 -0.27
CA ASN E 28 -39.92 1.85 0.51
C ASN E 28 -39.16 0.89 -0.40
N ILE E 29 -37.88 0.64 -0.09
CA ILE E 29 -37.04 -0.24 -0.89
C ILE E 29 -36.46 -1.33 0.01
N SER E 30 -35.94 -2.37 -0.63
CA SER E 30 -35.35 -3.49 0.09
C SER E 30 -33.91 -3.18 0.48
N SER E 31 -33.52 -3.66 1.66
CA SER E 31 -32.18 -3.41 2.19
C SER E 31 -31.09 -4.10 1.39
N SER E 32 -31.45 -5.00 0.46
CA SER E 32 -30.44 -5.70 -0.33
C SER E 32 -29.78 -4.81 -1.37
N TRP E 33 -30.31 -3.61 -1.63
CA TRP E 33 -29.84 -2.78 -2.73
C TRP E 33 -29.30 -1.43 -2.27
N ILE E 34 -28.72 -1.37 -1.07
CA ILE E 34 -28.18 -0.13 -0.53
C ILE E 34 -26.69 -0.32 -0.26
N ALA E 35 -25.87 0.60 -0.77
CA ALA E 35 -24.43 0.59 -0.55
C ALA E 35 -23.97 1.94 -0.04
N TRP E 36 -22.81 1.94 0.63
CA TRP E 36 -22.18 3.15 1.14
C TRP E 36 -20.76 3.26 0.61
N TYR E 37 -20.38 4.46 0.18
CA TYR E 37 -19.06 4.72 -0.38
C TYR E 37 -18.38 5.83 0.41
N GLN E 38 -17.05 5.76 0.46
CA GLN E 38 -16.23 6.76 1.14
C GLN E 38 -15.23 7.35 0.16
N GLN E 39 -15.03 8.66 0.21
CA GLN E 39 -14.09 9.35 -0.68
C GLN E 39 -13.19 10.28 0.12
N ARG E 40 -11.91 9.92 0.22
CA ARG E 40 -10.93 10.87 0.71
C ARG E 40 -10.49 11.78 -0.43
N ARG E 41 -10.02 12.97 -0.08
CA ARG E 41 -9.71 13.97 -1.09
C ARG E 41 -8.59 13.51 -2.01
N GLY E 42 -8.83 13.63 -3.32
CA GLY E 42 -7.86 13.22 -4.31
C GLY E 42 -7.61 11.73 -4.32
N GLN E 43 -8.70 10.95 -4.34
CA GLN E 43 -8.65 9.49 -4.33
C GLN E 43 -9.92 8.99 -4.99
N VAL E 44 -9.88 7.76 -5.47
CA VAL E 44 -11.08 7.14 -6.03
C VAL E 44 -11.99 6.71 -4.88
N PRO E 45 -13.31 6.70 -5.07
CA PRO E 45 -14.18 6.25 -3.99
C PRO E 45 -13.93 4.80 -3.63
N ARG E 46 -14.15 4.48 -2.37
CA ARG E 46 -13.97 3.13 -1.84
C ARG E 46 -15.29 2.63 -1.28
N LEU E 47 -15.60 1.37 -1.57
CA LEU E 47 -16.82 0.76 -1.05
C LEU E 47 -16.62 0.35 0.40
N LEU E 48 -17.55 0.74 1.27
CA LEU E 48 -17.54 0.35 2.67
C LEU E 48 -18.57 -0.71 2.99
N ILE E 49 -19.80 -0.52 2.54
CA ILE E 49 -20.93 -1.37 2.90
C ILE E 49 -21.72 -1.68 1.63
N SER E 50 -22.09 -2.94 1.46
CA SER E 50 -23.05 -3.34 0.44
C SER E 50 -24.23 -4.00 1.13
N ALA E 51 -25.38 -3.97 0.45
CA ALA E 51 -26.63 -4.53 0.98
C ALA E 51 -26.90 -4.01 2.39
N ALA E 52 -26.89 -2.69 2.52
CA ALA E 52 -27.20 -1.99 3.77
C ALA E 52 -26.27 -2.32 4.93
N SER E 53 -25.94 -3.60 5.14
CA SER E 53 -25.20 -3.97 6.34
C SER E 53 -23.95 -4.82 6.10
N ALA E 54 -23.74 -5.36 4.90
CA ALA E 54 -22.60 -6.23 4.64
C ALA E 54 -21.33 -5.40 4.51
N ARG E 55 -20.35 -5.66 5.37
CA ARG E 55 -19.11 -4.91 5.36
C ARG E 55 -18.17 -5.45 4.29
N ALA E 56 -17.60 -4.54 3.49
CA ALA E 56 -16.72 -4.94 2.40
C ALA E 56 -15.37 -5.42 2.93
N ALA E 57 -14.62 -6.10 2.07
CA ALA E 57 -13.36 -6.71 2.45
C ALA E 57 -12.32 -5.65 2.80
N GLY E 58 -11.66 -5.81 3.94
CA GLY E 58 -10.64 -4.88 4.38
C GLY E 58 -11.16 -3.60 4.99
N ILE E 59 -12.46 -3.49 5.22
CA ILE E 59 -13.03 -2.28 5.81
C ILE E 59 -13.12 -2.51 7.31
N PRO E 60 -12.57 -1.62 8.13
CA PRO E 60 -12.52 -1.87 9.57
C PRO E 60 -13.91 -1.87 10.19
N ASP E 61 -13.98 -2.38 11.42
CA ASP E 61 -15.24 -2.56 12.11
C ASP E 61 -15.86 -1.25 12.60
N ARG E 62 -15.14 -0.12 12.48
CA ARG E 62 -15.69 1.15 12.92
C ARG E 62 -16.95 1.53 12.14
N PHE E 63 -17.12 1.01 10.93
CA PHE E 63 -18.26 1.31 10.08
C PHE E 63 -19.28 0.17 10.18
N THR E 64 -20.51 0.52 10.55
CA THR E 64 -21.63 -0.41 10.55
C THR E 64 -22.82 0.25 9.89
N GLY E 65 -23.58 -0.53 9.13
CA GLY E 65 -24.72 -0.03 8.40
C GLY E 65 -26.00 -0.68 8.88
N ARG E 66 -27.08 0.09 8.83
CA ARG E 66 -28.40 -0.38 9.23
C ARG E 66 -29.43 0.28 8.33
N GLY E 67 -30.64 -0.25 8.37
CA GLY E 67 -31.77 0.40 7.74
C GLY E 67 -32.73 -0.56 7.08
N SER E 68 -33.93 -0.06 6.79
CA SER E 68 -34.98 -0.79 6.10
C SER E 68 -35.98 0.23 5.56
N GLY E 69 -36.83 -0.24 4.65
CA GLY E 69 -37.86 0.63 4.12
C GLY E 69 -37.34 1.87 3.43
N THR E 70 -37.40 3.01 4.14
CA THR E 70 -36.97 4.29 3.59
C THR E 70 -35.82 4.94 4.34
N ASP E 71 -35.40 4.39 5.48
CA ASP E 71 -34.40 5.02 6.33
C ASP E 71 -33.20 4.10 6.46
N PHE E 72 -32.02 4.59 6.06
CA PHE E 72 -30.77 3.85 6.17
C PHE E 72 -29.72 4.74 6.81
N THR E 73 -28.86 4.15 7.63
CA THR E 73 -27.86 4.89 8.38
C THR E 73 -26.50 4.22 8.27
N LEU E 74 -25.45 5.04 8.30
CA LEU E 74 -24.08 4.59 8.40
C LEU E 74 -23.48 5.16 9.69
N THR E 75 -22.94 4.28 10.52
CA THR E 75 -22.42 4.65 11.83
C THR E 75 -20.91 4.51 11.87
N ILE E 76 -20.23 5.54 12.34
CA ILE E 76 -18.79 5.53 12.52
C ILE E 76 -18.54 5.66 14.01
N THR E 77 -17.86 4.68 14.58
CA THR E 77 -17.50 4.68 16.00
C THR E 77 -15.99 4.67 16.11
N ARG E 78 -15.47 5.23 17.20
CA ARG E 78 -14.04 5.34 17.40
C ARG E 78 -13.40 6.00 16.18
N LEU E 79 -13.91 7.19 15.85
CA LEU E 79 -13.48 7.91 14.66
C LEU E 79 -11.97 8.12 14.67
N GLU E 80 -11.35 7.86 13.53
CA GLU E 80 -9.91 7.98 13.36
C GLU E 80 -9.62 8.89 12.17
N PRO E 81 -8.43 9.49 12.13
CA PRO E 81 -8.12 10.44 11.04
C PRO E 81 -8.35 9.92 9.64
N GLU E 82 -8.14 8.62 9.38
CA GLU E 82 -8.39 8.09 8.04
C GLU E 82 -9.84 8.25 7.62
N ASP E 83 -10.77 8.30 8.57
CA ASP E 83 -12.20 8.26 8.23
C ASP E 83 -12.70 9.56 7.62
N PHE E 84 -12.03 10.69 7.87
CA PHE E 84 -12.53 11.98 7.39
C PHE E 84 -12.63 12.02 5.88
N GLY E 85 -13.77 12.48 5.37
CA GLY E 85 -14.01 12.52 3.93
C GLY E 85 -15.49 12.69 3.64
N VAL E 86 -15.86 12.31 2.42
CA VAL E 86 -17.24 12.42 1.94
C VAL E 86 -17.83 11.02 1.83
N TYR E 87 -19.06 10.86 2.31
CA TYR E 87 -19.76 9.59 2.31
C TYR E 87 -21.02 9.67 1.47
N SER E 88 -21.19 8.72 0.56
CA SER E 88 -22.32 8.68 -0.34
C SER E 88 -23.02 7.34 -0.23
N CYS E 89 -24.34 7.36 -0.10
CA CYS E 89 -25.14 6.14 -0.20
C CYS E 89 -25.61 5.97 -1.64
N GLN E 90 -25.75 4.71 -2.04
CA GLN E 90 -26.16 4.36 -3.40
C GLN E 90 -27.28 3.34 -3.37
N TYR E 91 -28.24 3.52 -4.27
CA TYR E 91 -29.23 2.48 -4.55
C TYR E 91 -28.87 1.83 -5.87
N TYR E 92 -28.67 0.51 -5.85
CA TYR E 92 -28.29 -0.22 -7.04
C TYR E 92 -29.26 -1.35 -7.35
N GLY E 93 -30.52 -1.14 -7.02
CA GLY E 93 -31.58 -2.05 -7.39
C GLY E 93 -32.35 -1.53 -8.59
N GLY E 94 -33.12 -2.42 -9.20
CA GLY E 94 -33.89 -2.00 -10.35
C GLY E 94 -33.00 -1.81 -11.56
N SER E 95 -33.43 -0.90 -12.44
CA SER E 95 -32.72 -0.65 -13.69
C SER E 95 -31.81 0.56 -13.64
N PHE E 96 -32.15 1.58 -12.86
CA PHE E 96 -31.43 2.85 -12.85
C PHE E 96 -30.82 3.07 -11.47
N PHE E 97 -29.49 3.19 -11.42
CA PHE E 97 -28.82 3.45 -10.16
C PHE E 97 -28.86 4.95 -9.85
N THR E 98 -28.74 5.25 -8.56
CA THR E 98 -28.68 6.64 -8.13
C THR E 98 -27.76 6.76 -6.93
N PHE E 99 -27.11 7.91 -6.80
CA PHE E 99 -26.30 8.23 -5.64
C PHE E 99 -26.94 9.37 -4.86
N GLY E 100 -26.68 9.38 -3.56
CA GLY E 100 -27.05 10.51 -2.73
C GLY E 100 -26.08 11.65 -2.93
N PRO E 101 -26.48 12.83 -2.45
CA PRO E 101 -25.61 14.02 -2.61
C PRO E 101 -24.30 13.91 -1.86
N GLY E 102 -24.23 13.11 -0.82
CA GLY E 102 -23.01 12.95 -0.06
C GLY E 102 -23.04 13.75 1.24
N THR E 103 -22.26 13.29 2.21
CA THR E 103 -22.10 13.99 3.48
C THR E 103 -20.61 14.13 3.76
N GLN E 104 -20.18 15.36 4.00
CA GLN E 104 -18.80 15.62 4.37
C GLN E 104 -18.61 15.40 5.87
N VAL E 105 -17.58 14.64 6.24
CA VAL E 105 -17.21 14.43 7.63
C VAL E 105 -15.91 15.16 7.85
N ASP E 106 -15.95 16.24 8.62
CA ASP E 106 -14.78 17.08 8.88
C ASP E 106 -14.44 17.05 10.37
N VAL E 107 -13.36 17.75 10.70
CA VAL E 107 -12.84 17.77 12.07
C VAL E 107 -13.58 18.83 12.87
N LYS E 108 -14.01 18.47 14.07
CA LYS E 108 -14.75 19.38 14.93
C LYS E 108 -13.79 20.31 15.65
N ARG E 109 -14.18 21.59 15.72
CA ARG E 109 -13.38 22.58 16.43
C ARG E 109 -14.27 23.76 16.80
N THR E 110 -13.69 24.70 17.55
CA THR E 110 -14.42 25.88 17.99
C THR E 110 -14.86 26.73 16.80
N VAL E 111 -16.06 27.31 16.92
CA VAL E 111 -16.57 28.18 15.87
C VAL E 111 -15.67 29.40 15.73
N ALA E 112 -15.37 29.78 14.50
CA ALA E 112 -14.46 30.89 14.22
C ALA E 112 -15.01 31.73 13.08
N ALA E 113 -15.11 33.03 13.31
CA ALA E 113 -15.63 33.95 12.32
C ALA E 113 -14.58 34.23 11.24
N PRO E 114 -15.01 34.45 10.00
CA PRO E 114 -14.05 34.74 8.94
C PRO E 114 -13.55 36.18 9.01
N SER E 115 -12.29 36.34 8.62
CA SER E 115 -11.76 37.66 8.29
C SER E 115 -12.07 37.94 6.83
N VAL E 116 -12.70 39.07 6.57
CA VAL E 116 -13.26 39.37 5.25
C VAL E 116 -12.45 40.49 4.62
N PHE E 117 -12.00 40.27 3.39
CA PHE E 117 -11.24 41.25 2.63
C PHE E 117 -11.85 41.35 1.23
N ILE E 118 -11.81 42.57 0.67
CA ILE E 118 -12.28 42.81 -0.68
C ILE E 118 -11.14 43.43 -1.48
N PHE E 119 -11.00 43.01 -2.74
CA PHE E 119 -9.91 43.46 -3.59
C PHE E 119 -10.45 44.12 -4.86
N PRO E 120 -10.14 45.38 -5.11
CA PRO E 120 -10.56 46.02 -6.35
C PRO E 120 -9.82 45.44 -7.53
N PRO E 121 -10.30 45.66 -8.76
CA PRO E 121 -9.55 45.21 -9.93
C PRO E 121 -8.23 45.95 -10.04
N SER E 122 -7.18 45.21 -10.39
CA SER E 122 -5.88 45.81 -10.59
C SER E 122 -5.91 46.75 -11.80
N ASP E 123 -5.02 47.74 -11.77
CA ASP E 123 -4.88 48.63 -12.92
C ASP E 123 -4.37 47.88 -14.15
N GLU E 124 -3.54 46.85 -13.95
CA GLU E 124 -3.08 46.04 -15.06
C GLU E 124 -4.24 45.36 -15.79
N GLN E 125 -5.24 44.88 -15.05
CA GLN E 125 -6.35 44.16 -15.66
C GLN E 125 -7.32 45.09 -16.36
N LEU E 126 -7.47 46.33 -15.87
CA LEU E 126 -8.45 47.24 -16.44
C LEU E 126 -8.13 47.58 -17.89
N LYS E 127 -6.86 47.86 -18.20
CA LYS E 127 -6.59 48.11 -19.62
C LYS E 127 -6.67 46.84 -20.49
N SER E 128 -7.17 45.70 -19.99
CA SER E 128 -7.34 44.51 -20.80
C SER E 128 -8.79 44.28 -21.23
N GLY E 129 -9.74 45.04 -20.66
CA GLY E 129 -11.14 44.92 -21.04
C GLY E 129 -12.01 44.18 -20.04
N THR E 130 -11.43 43.59 -19.01
CA THR E 130 -12.20 42.91 -17.98
C THR E 130 -11.80 43.45 -16.61
N ALA E 131 -12.65 43.17 -15.62
CA ALA E 131 -12.43 43.60 -14.25
C ALA E 131 -12.89 42.51 -13.31
N SER E 132 -12.05 42.18 -12.34
CA SER E 132 -12.35 41.12 -11.38
C SER E 132 -12.27 41.70 -9.96
N VAL E 133 -13.36 41.57 -9.21
CA VAL E 133 -13.39 41.93 -7.80
C VAL E 133 -13.40 40.63 -7.00
N VAL E 134 -12.45 40.51 -6.08
CA VAL E 134 -12.25 39.30 -5.31
C VAL E 134 -12.65 39.56 -3.87
N CYS E 135 -13.41 38.63 -3.29
CA CYS E 135 -13.76 38.66 -1.88
C CYS E 135 -13.17 37.44 -1.20
N LEU E 136 -12.47 37.66 -0.09
CA LEU E 136 -11.75 36.60 0.61
C LEU E 136 -12.34 36.41 2.00
N LEU E 137 -12.73 35.17 2.30
CA LEU E 137 -13.17 34.77 3.63
C LEU E 137 -12.11 33.84 4.21
N ASN E 138 -11.47 34.25 5.29
CA ASN E 138 -10.25 33.62 5.77
C ASN E 138 -10.46 32.96 7.12
N ASN E 139 -10.07 31.69 7.22
CA ASN E 139 -9.96 30.93 8.47
C ASN E 139 -11.26 31.00 9.28
N PHE E 140 -12.30 30.37 8.74
CA PHE E 140 -13.58 30.29 9.42
C PHE E 140 -13.99 28.85 9.62
N TYR E 141 -14.91 28.65 10.57
CA TYR E 141 -15.48 27.36 10.89
C TYR E 141 -16.83 27.62 11.54
N PRO E 142 -17.88 26.88 11.16
CA PRO E 142 -17.96 25.72 10.26
C PRO E 142 -17.88 26.02 8.76
N ARG E 143 -18.04 24.97 7.96
CA ARG E 143 -17.84 25.07 6.51
C ARG E 143 -18.84 26.02 5.86
N GLU E 144 -20.10 25.99 6.29
CA GLU E 144 -21.14 26.72 5.58
C GLU E 144 -20.98 28.22 5.73
N ALA E 145 -21.01 28.93 4.60
CA ALA E 145 -20.93 30.38 4.58
C ALA E 145 -21.54 30.87 3.28
N LYS E 146 -22.24 32.00 3.35
CA LYS E 146 -22.88 32.61 2.19
C LYS E 146 -22.16 33.91 1.84
N VAL E 147 -21.97 34.15 0.56
CA VAL E 147 -21.35 35.37 0.05
C VAL E 147 -22.28 35.98 -0.98
N GLN E 148 -22.63 37.25 -0.80
CA GLN E 148 -23.49 37.98 -1.72
C GLN E 148 -22.76 39.22 -2.23
N TRP E 149 -22.78 39.40 -3.54
CA TRP E 149 -22.19 40.58 -4.19
C TRP E 149 -23.27 41.65 -4.38
N LYS E 150 -22.95 42.89 -3.99
CA LYS E 150 -23.85 44.02 -4.13
C LYS E 150 -23.14 45.14 -4.87
N VAL E 151 -23.60 45.43 -6.08
CA VAL E 151 -23.09 46.55 -6.87
C VAL E 151 -24.09 47.68 -6.74
N ASP E 152 -23.72 48.71 -5.96
CA ASP E 152 -24.63 49.81 -5.62
C ASP E 152 -25.90 49.29 -4.94
N ASN E 153 -25.72 48.35 -4.01
CA ASN E 153 -26.80 47.72 -3.26
C ASN E 153 -27.70 46.88 -4.15
N ALA E 154 -27.26 46.55 -5.35
CA ALA E 154 -28.00 45.70 -6.27
C ALA E 154 -27.41 44.30 -6.19
N LEU E 155 -28.16 43.37 -5.58
CA LEU E 155 -27.74 41.99 -5.50
C LEU E 155 -27.37 41.47 -6.88
N GLN E 156 -26.30 40.69 -6.95
CA GLN E 156 -25.83 40.12 -8.21
C GLN E 156 -26.10 38.63 -8.23
N SER E 157 -26.14 38.07 -9.43
CA SER E 157 -26.26 36.64 -9.61
C SER E 157 -25.80 36.27 -11.00
N GLY E 158 -25.22 35.07 -11.12
CA GLY E 158 -24.73 34.55 -12.37
C GLY E 158 -23.38 35.06 -12.82
N ASN E 159 -22.84 36.11 -12.19
CA ASN E 159 -21.57 36.69 -12.59
C ASN E 159 -20.50 36.53 -11.52
N SER E 160 -20.63 35.51 -10.66
CA SER E 160 -19.64 35.25 -9.63
C SER E 160 -19.37 33.75 -9.54
N GLN E 161 -18.17 33.41 -9.08
CA GLN E 161 -17.76 32.03 -8.86
C GLN E 161 -16.92 31.97 -7.60
N GLU E 162 -17.03 30.87 -6.87
CA GLU E 162 -16.32 30.74 -5.61
C GLU E 162 -15.70 29.34 -5.48
N SER E 163 -14.68 29.26 -4.65
CA SER E 163 -14.01 27.99 -4.36
C SER E 163 -13.52 28.04 -2.92
N VAL E 164 -13.34 26.85 -2.34
CA VAL E 164 -13.02 26.70 -0.92
C VAL E 164 -11.80 25.81 -0.77
N THR E 165 -10.96 26.13 0.21
CA THR E 165 -9.80 25.30 0.51
C THR E 165 -10.22 24.06 1.28
N GLU E 166 -9.35 23.05 1.27
CA GLU E 166 -9.53 21.91 2.14
C GLU E 166 -9.42 22.36 3.58
N GLN E 167 -10.10 21.66 4.49
CA GLN E 167 -9.99 22.00 5.90
C GLN E 167 -8.53 21.93 6.32
N ASP E 168 -8.04 23.00 6.94
CA ASP E 168 -6.63 23.08 7.29
C ASP E 168 -6.24 21.95 8.24
N SER E 169 -5.07 21.36 8.00
CA SER E 169 -4.61 20.30 8.90
C SER E 169 -4.16 20.86 10.25
N LYS E 170 -3.70 22.10 10.29
CA LYS E 170 -3.24 22.70 11.53
C LYS E 170 -4.41 23.17 12.40
N ASP E 171 -5.03 24.29 12.05
CA ASP E 171 -6.07 24.89 12.87
C ASP E 171 -7.49 24.50 12.46
N SER E 172 -7.64 23.64 11.45
CA SER E 172 -8.91 23.02 11.10
C SER E 172 -9.97 24.02 10.65
N THR E 173 -9.54 25.06 9.93
CA THR E 173 -10.45 26.06 9.40
C THR E 173 -10.57 25.94 7.88
N TYR E 174 -11.50 26.71 7.33
CA TYR E 174 -11.73 26.81 5.90
C TYR E 174 -11.49 28.23 5.43
N SER E 175 -11.18 28.36 4.15
CA SER E 175 -11.08 29.67 3.50
C SER E 175 -11.84 29.64 2.18
N LEU E 176 -12.42 30.78 1.81
CA LEU E 176 -13.26 30.87 0.64
C LEU E 176 -12.88 32.11 -0.15
N SER E 177 -12.91 31.98 -1.47
CA SER E 177 -12.66 33.10 -2.37
C SER E 177 -13.80 33.21 -3.37
N SER E 178 -14.35 34.40 -3.51
CA SER E 178 -15.42 34.66 -4.46
C SER E 178 -14.96 35.73 -5.43
N THR E 179 -15.14 35.47 -6.73
CA THR E 179 -14.69 36.37 -7.79
C THR E 179 -15.90 36.86 -8.58
N LEU E 180 -16.10 38.18 -8.59
CA LEU E 180 -17.13 38.82 -9.41
C LEU E 180 -16.47 39.34 -10.68
N THR E 181 -16.90 38.83 -11.83
CA THR E 181 -16.31 39.18 -13.11
C THR E 181 -17.24 40.11 -13.86
N LEU E 182 -16.73 41.29 -14.21
CA LEU E 182 -17.45 42.29 -14.98
C LEU E 182 -16.59 42.79 -16.12
N SER E 183 -17.22 43.15 -17.22
CA SER E 183 -16.50 43.82 -18.29
C SER E 183 -16.12 45.23 -17.87
N LYS E 184 -15.05 45.75 -18.47
CA LYS E 184 -14.55 47.06 -18.09
C LYS E 184 -15.62 48.12 -18.26
N ALA E 185 -16.43 48.02 -19.31
CA ALA E 185 -17.52 48.97 -19.51
C ALA E 185 -18.47 48.97 -18.33
N ASP E 186 -18.90 47.78 -17.89
CA ASP E 186 -19.82 47.68 -16.76
C ASP E 186 -19.18 48.12 -15.46
N TYR E 187 -17.88 47.83 -15.28
CA TYR E 187 -17.22 48.18 -14.03
C TYR E 187 -17.18 49.69 -13.80
N GLU E 188 -17.08 50.47 -14.89
CA GLU E 188 -17.03 51.92 -14.75
C GLU E 188 -18.40 52.53 -14.49
N LYS E 189 -19.47 51.81 -14.84
CA LYS E 189 -20.81 52.37 -14.74
C LYS E 189 -21.22 52.65 -13.30
N HIS E 190 -20.74 51.84 -12.37
CA HIS E 190 -21.14 51.88 -10.97
C HIS E 190 -19.96 52.30 -10.09
N LYS E 191 -20.26 52.65 -8.84
CA LYS E 191 -19.26 53.24 -7.96
C LYS E 191 -18.94 52.39 -6.74
N VAL E 192 -19.95 51.73 -6.14
CA VAL E 192 -19.79 51.01 -4.89
C VAL E 192 -19.80 49.51 -5.19
N TYR E 193 -18.78 48.82 -4.69
CA TYR E 193 -18.68 47.36 -4.80
C TYR E 193 -18.50 46.78 -3.41
N ALA E 194 -19.46 45.97 -2.97
CA ALA E 194 -19.50 45.48 -1.61
C ALA E 194 -19.65 43.97 -1.59
N CYS E 195 -19.11 43.36 -0.55
CA CYS E 195 -19.19 41.92 -0.32
C CYS E 195 -19.89 41.68 1.00
N GLU E 196 -21.09 41.10 0.96
CA GLU E 196 -21.86 40.81 2.16
C GLU E 196 -21.67 39.33 2.52
N VAL E 197 -21.22 39.07 3.73
CA VAL E 197 -20.83 37.74 4.18
C VAL E 197 -21.76 37.30 5.30
N THR E 198 -22.26 36.07 5.20
CA THR E 198 -23.15 35.49 6.20
C THR E 198 -22.52 34.22 6.74
N HIS E 199 -22.34 34.17 8.05
CA HIS E 199 -21.71 33.03 8.70
C HIS E 199 -22.23 32.90 10.13
N GLN E 200 -22.19 31.67 10.65
CA GLN E 200 -22.66 31.43 12.01
C GLN E 200 -21.87 32.22 13.05
N GLY E 201 -20.57 32.43 12.82
CA GLY E 201 -19.74 33.15 13.76
C GLY E 201 -19.97 34.65 13.78
N LEU E 202 -20.79 35.17 12.88
CA LEU E 202 -21.10 36.60 12.80
C LEU E 202 -22.50 36.85 13.33
N SER E 203 -22.62 37.81 14.26
CA SER E 203 -23.92 38.15 14.82
C SER E 203 -24.85 38.73 13.76
N SER E 204 -24.32 39.47 12.80
CA SER E 204 -25.08 40.01 11.70
C SER E 204 -24.19 40.04 10.47
N PRO E 205 -24.78 40.02 9.27
CA PRO E 205 -23.96 39.97 8.05
C PRO E 205 -22.95 41.10 7.96
N VAL E 206 -21.69 40.72 7.76
CA VAL E 206 -20.57 41.65 7.66
C VAL E 206 -20.40 42.07 6.21
N THR E 207 -20.08 43.36 6.00
CA THR E 207 -19.95 43.93 4.66
C THR E 207 -18.64 44.67 4.57
N LYS E 208 -17.82 44.30 3.57
CA LYS E 208 -16.64 45.05 3.20
C LYS E 208 -16.86 45.61 1.80
N SER E 209 -16.40 46.84 1.57
CA SER E 209 -16.66 47.51 0.31
C SER E 209 -15.53 48.49 0.00
N PHE E 210 -15.58 49.02 -1.22
CA PHE E 210 -14.70 50.08 -1.66
C PHE E 210 -15.47 50.94 -2.65
N ASN E 211 -14.91 52.10 -2.96
CA ASN E 211 -15.48 53.00 -3.95
C ASN E 211 -14.53 53.09 -5.14
N ARG E 212 -15.07 52.98 -6.34
CA ARG E 212 -14.23 53.02 -7.53
C ARG E 212 -13.50 54.34 -7.63
N GLY E 213 -12.17 54.30 -7.71
CA GLY E 213 -11.39 55.51 -7.62
C GLY E 213 -11.21 56.05 -6.23
N GLU E 214 -11.30 55.20 -5.21
CA GLU E 214 -10.96 55.55 -3.84
C GLU E 214 -11.87 56.67 -3.30
N CYS E 215 -13.13 56.69 -3.75
CA CYS E 215 -14.08 57.72 -3.30
C CYS E 215 -14.60 57.40 -1.90
N THR F 2 1.63 25.70 -43.63
CA THR F 2 1.92 24.32 -43.30
C THR F 2 1.56 24.03 -41.84
N PRO F 3 1.11 22.80 -41.56
CA PRO F 3 0.69 22.46 -40.20
C PRO F 3 1.84 22.31 -39.21
N ALA F 4 3.07 22.62 -39.63
CA ALA F 4 4.22 22.54 -38.76
C ALA F 4 4.42 23.87 -38.04
N VAL F 5 4.60 23.80 -36.72
CA VAL F 5 4.76 24.98 -35.89
C VAL F 5 6.10 24.91 -35.16
N THR F 6 6.58 26.08 -34.76
CA THR F 6 7.76 26.20 -33.93
C THR F 6 7.41 26.92 -32.64
N THR F 7 8.22 26.68 -31.61
CA THR F 7 8.01 27.30 -30.31
C THR F 7 8.87 28.55 -30.19
N TYR F 8 8.22 29.67 -29.86
CA TYR F 8 8.90 30.94 -29.63
C TYR F 8 8.77 31.30 -28.16
N LYS F 9 9.84 31.88 -27.60
CA LYS F 9 9.86 32.27 -26.20
C LYS F 9 9.74 33.79 -26.08
N LEU F 10 9.08 34.23 -25.02
CA LEU F 10 9.02 35.63 -24.64
C LEU F 10 9.65 35.81 -23.27
N VAL F 11 10.52 36.81 -23.15
CA VAL F 11 11.12 37.19 -21.88
C VAL F 11 10.51 38.52 -21.46
N ILE F 12 10.01 38.58 -20.24
CA ILE F 12 9.30 39.75 -19.72
C ILE F 12 10.17 40.39 -18.64
N ASN F 13 10.55 41.64 -18.86
CA ASN F 13 11.37 42.40 -17.92
C ASN F 13 10.62 43.66 -17.51
N GLY F 14 9.55 43.48 -16.71
CA GLY F 14 8.78 44.60 -16.22
C GLY F 14 9.24 45.09 -14.85
N LYS F 15 8.67 46.21 -14.41
CA LYS F 15 9.02 46.69 -13.07
C LYS F 15 8.41 45.80 -11.99
N THR F 16 7.28 45.16 -12.28
CA THR F 16 6.68 44.23 -11.33
C THR F 16 6.49 42.82 -11.86
N LEU F 17 6.57 42.60 -13.16
CA LEU F 17 6.39 41.27 -13.74
C LEU F 17 7.66 40.87 -14.47
N LYS F 18 8.31 39.82 -13.99
CA LYS F 18 9.51 39.28 -14.62
C LYS F 18 9.35 37.77 -14.78
N GLY F 19 9.82 37.25 -15.89
CA GLY F 19 9.77 35.82 -16.13
C GLY F 19 9.83 35.51 -17.62
N GLU F 20 9.20 34.40 -17.98
CA GLU F 20 9.25 33.92 -19.35
C GLU F 20 8.00 33.11 -19.67
N THR F 21 7.63 33.10 -20.94
CA THR F 21 6.53 32.28 -21.44
C THR F 21 6.82 31.90 -22.88
N THR F 22 6.04 30.96 -23.41
CA THR F 22 6.22 30.47 -24.76
C THR F 22 4.88 30.34 -25.46
N THR F 23 4.93 30.25 -26.79
CA THR F 23 3.75 30.03 -27.60
C THR F 23 4.17 29.25 -28.84
N LYS F 24 3.21 28.55 -29.44
CA LYS F 24 3.43 27.82 -30.69
C LYS F 24 2.75 28.56 -31.81
N ALA F 25 3.52 28.90 -32.85
CA ALA F 25 3.00 29.63 -33.99
C ALA F 25 3.67 29.12 -35.26
N VAL F 26 3.00 29.39 -36.39
CA VAL F 26 3.55 29.01 -37.69
C VAL F 26 4.85 29.75 -37.95
N ASP F 27 4.87 31.07 -37.75
CA ASP F 27 6.05 31.89 -37.98
C ASP F 27 6.15 32.94 -36.89
N ALA F 28 7.26 33.68 -36.89
CA ALA F 28 7.49 34.69 -35.87
C ALA F 28 6.44 35.80 -35.94
N GLU F 29 5.98 36.11 -37.14
CA GLU F 29 4.95 37.14 -37.30
C GLU F 29 3.67 36.77 -36.55
N THR F 30 3.26 35.49 -36.61
CA THR F 30 2.09 35.04 -35.86
C THR F 30 2.37 34.98 -34.36
N ALA F 31 3.59 34.59 -33.98
CA ALA F 31 3.93 34.48 -32.56
C ALA F 31 3.91 35.85 -31.89
N GLU F 32 4.38 36.88 -32.60
CA GLU F 32 4.43 38.22 -32.01
C GLU F 32 3.03 38.74 -31.70
N LYS F 33 2.06 38.44 -32.57
CA LYS F 33 0.68 38.88 -32.31
C LYS F 33 0.13 38.27 -31.03
N ALA F 34 0.50 37.02 -30.74
CA ALA F 34 0.08 36.40 -29.48
C ALA F 34 0.80 37.05 -28.29
N PHE F 35 2.09 37.34 -28.44
CA PHE F 35 2.85 37.92 -27.34
C PHE F 35 2.42 39.36 -27.06
N LYS F 36 2.08 40.11 -28.11
CA LYS F 36 1.63 41.48 -27.89
C LYS F 36 0.33 41.54 -27.10
N GLN F 37 -0.57 40.59 -27.34
CA GLN F 37 -1.79 40.52 -26.54
C GLN F 37 -1.49 40.10 -25.11
N TYR F 38 -0.61 39.10 -24.94
CA TYR F 38 -0.27 38.63 -23.61
C TYR F 38 0.37 39.73 -22.77
N ALA F 39 1.27 40.50 -23.38
CA ALA F 39 1.93 41.59 -22.65
C ALA F 39 0.95 42.70 -22.29
N ASN F 40 0.10 43.08 -23.25
CA ASN F 40 -0.92 44.09 -22.95
C ASN F 40 -1.94 43.58 -21.94
N ASP F 41 -2.28 42.29 -22.02
CA ASP F 41 -3.18 41.72 -21.02
C ASP F 41 -2.58 41.79 -19.62
N ASN F 42 -1.26 41.69 -19.52
CA ASN F 42 -0.57 41.76 -18.23
C ASN F 42 -0.11 43.16 -17.88
N GLY F 43 -0.53 44.17 -18.64
CA GLY F 43 -0.17 45.54 -18.32
C GLY F 43 1.29 45.86 -18.51
N VAL F 44 2.00 45.08 -19.32
CA VAL F 44 3.41 45.34 -19.59
C VAL F 44 3.51 46.19 -20.85
N ASP F 45 4.12 47.37 -20.71
CA ASP F 45 4.36 48.26 -21.84
C ASP F 45 5.83 48.62 -21.85
N GLY F 46 6.55 48.19 -22.89
CA GLY F 46 8.00 48.47 -22.97
C GLY F 46 8.54 48.33 -24.38
N VAL F 47 9.85 48.21 -24.51
CA VAL F 47 10.56 48.09 -25.83
C VAL F 47 10.74 46.60 -26.15
N TRP F 48 10.60 46.23 -27.43
CA TRP F 48 10.68 44.85 -27.89
C TRP F 48 11.93 44.62 -28.73
N THR F 49 12.68 43.59 -28.38
CA THR F 49 13.79 43.10 -29.19
C THR F 49 13.54 41.63 -29.51
N TYR F 50 14.23 41.14 -30.53
CA TYR F 50 14.02 39.78 -31.00
C TYR F 50 15.36 39.14 -31.36
N ASP F 51 15.49 37.85 -31.03
CA ASP F 51 16.65 37.07 -31.40
C ASP F 51 16.17 35.85 -32.18
N ASP F 52 16.35 35.88 -33.50
CA ASP F 52 15.87 34.79 -34.34
C ASP F 52 16.64 33.50 -34.09
N ALA F 53 17.87 33.60 -33.58
CA ALA F 53 18.63 32.39 -33.25
C ALA F 53 17.92 31.56 -32.19
N THR F 54 17.53 32.19 -31.08
CA THR F 54 16.89 31.50 -29.98
C THR F 54 15.37 31.65 -29.99
N LYS F 55 14.80 32.23 -31.05
CA LYS F 55 13.35 32.43 -31.19
C LYS F 55 12.76 33.07 -29.94
N THR F 56 13.41 34.15 -29.48
CA THR F 56 13.08 34.75 -28.19
C THR F 56 12.79 36.23 -28.36
N PHE F 57 11.57 36.63 -28.01
CA PHE F 57 11.20 38.03 -27.90
C PHE F 57 11.53 38.52 -26.49
N THR F 58 11.76 39.83 -26.36
CA THR F 58 12.00 40.43 -25.05
C THR F 58 11.29 41.76 -24.99
N VAL F 59 10.58 42.01 -23.90
CA VAL F 59 9.97 43.30 -23.62
C VAL F 59 10.50 43.79 -22.28
N THR F 60 11.08 44.98 -22.26
CA THR F 60 11.69 45.55 -21.07
C THR F 60 11.12 46.94 -20.81
N GLU F 61 10.85 47.23 -19.54
CA GLU F 61 10.36 48.55 -19.13
C GLU F 61 11.47 49.39 -18.54
C1 NAG G . -43.66 2.45 3.61
C2 NAG G . -44.64 3.56 3.22
C3 NAG G . -45.48 3.98 4.41
C4 NAG G . -46.15 2.77 5.05
C5 NAG G . -45.10 1.71 5.38
C6 NAG G . -45.71 0.42 5.89
C7 NAG G . -43.58 4.81 1.38
C8 NAG G . -42.86 6.06 0.99
N2 NAG G . -43.94 4.71 2.66
O3 NAG G . -46.46 4.92 4.01
O4 NAG G . -46.83 3.14 6.24
O5 NAG G . -44.37 1.37 4.20
O6 NAG G . -45.31 -0.69 5.10
O7 NAG G . -43.82 3.92 0.58
C1 NAG G . -48.24 3.04 6.01
C2 NAG G . -48.92 2.52 7.27
C3 NAG G . -50.43 2.46 7.08
C4 NAG G . -50.95 3.83 6.66
C5 NAG G . -50.19 4.32 5.42
C6 NAG G . -50.57 5.72 5.02
C7 NAG G . -47.59 1.01 8.69
C8 NAG G . -47.17 -0.40 8.93
N2 NAG G . -48.40 1.21 7.65
O3 NAG G . -51.04 2.05 8.29
O4 NAG G . -52.34 3.75 6.36
O5 NAG G . -48.78 4.33 5.67
O6 NAG G . -51.94 5.81 4.63
O7 NAG G . -47.21 1.94 9.40
C1 BMA G . -53.07 4.32 7.46
C2 BMA G . -54.47 4.52 6.94
C3 BMA G . -55.40 4.96 8.06
C4 BMA G . -55.24 4.09 9.32
C5 BMA G . -53.77 3.98 9.72
C6 BMA G . -53.58 3.06 10.92
O2 BMA G . -54.98 3.29 6.45
O3 BMA G . -56.73 4.91 7.62
O4 BMA G . -55.99 4.66 10.40
O5 BMA G . -53.05 3.46 8.60
O6 BMA G . -52.30 2.42 10.84
C1 MAN G . -57.25 6.25 7.51
C2 MAN G . -58.78 6.11 7.42
C3 MAN G . -59.15 5.57 6.04
C4 MAN G . -58.53 6.42 4.93
C5 MAN G . -57.02 6.40 5.10
C6 MAN G . -56.29 7.24 4.06
O2 MAN G . -59.45 7.37 7.59
O3 MAN G . -60.56 5.47 5.88
O4 MAN G . -58.87 5.89 3.67
O5 MAN G . -56.68 6.94 6.40
O6 MAN G . -56.18 8.57 4.58
C1 MAN G . -59.07 7.90 8.88
C2 MAN G . -59.85 7.11 9.99
C3 MAN G . -61.30 7.55 10.07
C4 MAN G . -61.35 9.06 10.28
C5 MAN G . -60.67 9.77 9.07
C6 MAN G . -60.69 11.29 9.16
O2 MAN G . -59.32 7.36 11.32
O3 MAN G . -62.02 6.88 11.09
O4 MAN G . -62.70 9.50 10.41
O5 MAN G . -59.29 9.32 8.96
O6 MAN G . -60.82 11.67 10.53
C1 MAN G . -52.23 1.48 11.94
C2 MAN G . -50.73 1.29 12.34
C3 MAN G . -49.97 0.49 11.29
C4 MAN G . -50.72 -0.80 10.94
C5 MAN G . -52.16 -0.49 10.52
C6 MAN G . -52.98 -1.74 10.25
O2 MAN G . -50.59 0.57 13.58
O3 MAN G . -48.64 0.19 11.73
O4 MAN G . -50.06 -1.48 9.88
O5 MAN G . -52.82 0.24 11.58
O6 MAN G . -53.32 -2.32 11.51
C1 NAG G . -50.59 1.54 14.64
C2 NAG G . -51.21 0.94 15.92
C3 NAG G . -51.20 1.99 17.05
C4 NAG G . -49.80 2.53 17.25
C5 NAG G . -49.23 3.06 15.93
C6 NAG G . -47.79 3.53 16.03
C7 NAG G . -52.85 -0.82 15.45
C8 NAG G . -54.30 -1.16 15.23
N2 NAG G . -52.57 0.46 15.68
O3 NAG G . -51.66 1.39 18.25
O4 NAG G . -49.81 3.59 18.19
O5 NAG G . -49.26 2.03 14.93
O6 NAG G . -47.06 2.75 16.98
O7 NAG G . -51.97 -1.70 15.42
C1 FUC G . -46.46 -1.47 4.75
C2 FUC G . -46.25 -1.91 3.31
C3 FUC G . -44.95 -2.69 3.22
C4 FUC G . -44.96 -3.89 4.20
C5 FUC G . -45.39 -3.44 5.62
C6 FUC G . -45.75 -4.60 6.54
O2 FUC G . -46.28 -0.82 2.40
O3 FUC G . -44.77 -3.21 1.90
O4 FUC G . -45.81 -4.91 3.74
O5 FUC G . -46.56 -2.57 5.60
C1 NAG H . 42.28 3.49 10.70
C2 NAG H . 43.33 2.63 11.43
C3 NAG H . 43.73 3.29 12.75
C4 NAG H . 44.17 4.73 12.53
C5 NAG H . 43.06 5.50 11.80
C6 NAG H . 43.46 6.91 11.46
C7 NAG H . 42.84 0.33 10.73
C8 NAG H . 42.29 -1.00 11.15
N2 NAG H . 42.82 1.29 11.66
O3 NAG H . 44.78 2.55 13.35
O4 NAG H . 44.43 5.37 13.78
O5 NAG H . 42.77 4.85 10.56
O6 NAG H . 44.33 6.96 10.33
O7 NAG H . 43.28 0.52 9.61
#